data_8PL1
#
_entry.id   8PL1
#
_cell.length_a   62.570
_cell.length_b   104.040
_cell.length_c   135.250
_cell.angle_alpha   90.000
_cell.angle_beta   91.860
_cell.angle_gamma   90.000
#
_symmetry.space_group_name_H-M   'P 1 21 1'
#
loop_
_entity.id
_entity.type
_entity.pdbx_description
1 polymer 'Thioredoxin glutathione reductase'
2 non-polymer 'FLAVIN-ADENINE DINUCLEOTIDE'
3 non-polymer 5-(methoxymethyl)-1,3,4-thiadiazol-2-amine
4 water water
#
_entity_poly.entity_id   1
_entity_poly.type   'polypeptide(L)'
_entity_poly.pdbx_seq_one_letter_code
;GPPPADGTSQWLRKTVDSAAVILFSKTTCPYCKKVKDVLAEAKIKHATIELDQLSNGSAIQKCLASFSKIETVPQMFVRG
KFIGDSQTVLKYYSNDELAGIVNESKYDYDLIVIGGGSGGLAAGKEAAKYGAKTAVLDYVEPTPIGTTWGLGGTCVNVGC
IPKKLMHQAGLLSHALEDAEHFGWSLDRSKISHNWSTMVEGVQSHIGSLNWGYKVALRDNQVTYLNAKGRLISPHEVQIT
DKNQKVSTITGNKIILATGERPKYPEIPGAVEYGITSDDLFSLPYFPGKTLVIGASYVALECAGFLASLGGDVTVMVRSI
LLRGFDQQMAEKVGDYMENHGVKFAKLCVPDEIKQLKVVDTENNKPGLLLVKGHYTDGKKFEEEFETVIFAVGREPQLSK
VLCETVGVKLDKNGRVVCTDDEQTTVSNVYAIGDINAGKPQLTPVAIQAGRYLARRLFAGATELTDYSNVATTVFTPLEY
GACGLSEEDAIEKYGDKDIEVYHSNFKPLEWTVAHREDNVCYMKLVCRKSDNMRVLGLHVLGPNAGEITQGYAVAIKMGA
TKADFDRTIGIHPTCSETFTTLHVTKKSGVSPIVSGC
;
_entity_poly.pdbx_strand_id   A,B
#
loop_
_chem_comp.id
_chem_comp.type
_chem_comp.name
_chem_comp.formula
FAD non-polymer 'FLAVIN-ADENINE DINUCLEOTIDE' 'C27 H33 N9 O15 P2'
UVS non-polymer 5-(methoxymethyl)-1,3,4-thiadiazol-2-amine 'C4 H7 N3 O S'
#
# COMPACT_ATOMS: atom_id res chain seq x y z
N GLY A 7 -16.79 40.30 -1.69
CA GLY A 7 -16.12 39.01 -1.57
C GLY A 7 -16.85 37.90 -2.31
N THR A 8 -17.93 37.41 -1.71
CA THR A 8 -18.92 36.63 -2.44
C THR A 8 -19.32 37.31 -3.75
N SER A 9 -19.40 38.64 -3.72
CA SER A 9 -19.73 39.44 -4.90
C SER A 9 -18.83 39.09 -6.10
N GLN A 10 -17.50 39.11 -5.90
CA GLN A 10 -16.60 38.91 -7.04
C GLN A 10 -16.58 37.48 -7.53
N TRP A 11 -16.88 36.50 -6.66
CA TRP A 11 -17.05 35.13 -7.12
C TRP A 11 -18.17 35.05 -8.15
N LEU A 12 -19.36 35.55 -7.81
CA LEU A 12 -20.52 35.36 -8.67
C LEU A 12 -20.38 36.12 -9.99
N ARG A 13 -19.54 37.16 -10.05
CA ARG A 13 -19.31 37.79 -11.35
C ARG A 13 -18.32 36.99 -12.19
N LYS A 14 -17.29 36.40 -11.57
CA LYS A 14 -16.40 35.53 -12.34
C LYS A 14 -17.12 34.28 -12.82
N THR A 15 -17.96 33.72 -11.95
CA THR A 15 -18.70 32.50 -12.30
C THR A 15 -19.65 32.74 -13.47
N VAL A 16 -20.41 33.83 -13.43
CA VAL A 16 -21.40 34.10 -14.48
C VAL A 16 -20.72 34.40 -15.81
N ASP A 17 -19.52 35.00 -15.78
CA ASP A 17 -18.88 35.42 -17.03
C ASP A 17 -18.29 34.25 -17.81
N SER A 18 -17.67 33.27 -17.13
CA SER A 18 -17.02 32.20 -17.90
C SER A 18 -17.90 30.99 -18.13
N ALA A 19 -18.91 30.74 -17.30
CA ALA A 19 -19.80 29.59 -17.50
C ALA A 19 -20.49 29.65 -18.87
N ALA A 20 -20.65 28.47 -19.49
CA ALA A 20 -21.34 28.40 -20.79
C ALA A 20 -22.86 28.46 -20.62
N VAL A 21 -23.42 27.51 -19.89
CA VAL A 21 -24.82 27.45 -19.54
C VAL A 21 -24.89 27.04 -18.07
N ILE A 22 -25.53 27.86 -17.24
CA ILE A 22 -25.54 27.64 -15.80
C ILE A 22 -26.91 28.01 -15.21
N LEU A 23 -27.38 27.20 -14.27
CA LEU A 23 -28.67 27.37 -13.63
C LEU A 23 -28.47 27.49 -12.13
N PHE A 24 -29.04 28.55 -11.54
CA PHE A 24 -29.08 28.76 -10.09
C PHE A 24 -30.42 28.27 -9.58
N SER A 25 -30.41 27.41 -8.56
CA SER A 25 -31.64 26.76 -8.14
C SER A 25 -31.56 26.38 -6.66
N LYS A 26 -32.66 25.76 -6.18
CA LYS A 26 -32.73 25.12 -4.87
C LYS A 26 -33.32 23.73 -5.05
N THR A 27 -32.86 22.79 -4.20
CA THR A 27 -33.27 21.39 -4.32
C THR A 27 -34.76 21.24 -4.11
N THR A 28 -35.32 22.01 -3.18
CA THR A 28 -36.70 21.92 -2.72
C THR A 28 -37.69 22.67 -3.60
N CYS A 29 -37.25 23.20 -4.73
CA CYS A 29 -38.06 24.10 -5.55
C CYS A 29 -38.67 23.34 -6.72
N PRO A 30 -40.00 23.25 -6.82
CA PRO A 30 -40.60 22.60 -7.99
C PRO A 30 -40.56 23.44 -9.25
N TYR A 31 -40.37 24.76 -9.13
CA TYR A 31 -40.20 25.59 -10.33
C TYR A 31 -38.83 25.35 -10.97
N CYS A 32 -37.80 25.15 -10.14
CA CYS A 32 -36.48 24.81 -10.66
C CYS A 32 -36.47 23.42 -11.27
N LYS A 33 -37.12 22.46 -10.60
CA LYS A 33 -37.28 21.13 -11.19
C LYS A 33 -37.94 21.21 -12.56
N LYS A 34 -38.95 22.06 -12.72
CA LYS A 34 -39.60 22.18 -14.02
C LYS A 34 -38.61 22.63 -15.10
N VAL A 35 -37.68 23.53 -14.74
CA VAL A 35 -36.75 24.02 -15.75
C VAL A 35 -35.64 22.99 -16.02
N LYS A 36 -35.20 22.26 -14.98
CA LYS A 36 -34.25 21.18 -15.19
C LYS A 36 -34.81 20.16 -16.18
N ASP A 37 -36.07 19.77 -15.99
CA ASP A 37 -36.66 18.72 -16.82
C ASP A 37 -36.82 19.17 -18.27
N VAL A 38 -37.05 20.47 -18.51
CA VAL A 38 -37.04 21.00 -19.88
C VAL A 38 -35.66 20.89 -20.50
N LEU A 39 -34.60 21.16 -19.74
CA LEU A 39 -33.27 21.16 -20.34
C LEU A 39 -32.79 19.74 -20.61
N ALA A 40 -33.11 18.79 -19.72
CA ALA A 40 -32.76 17.38 -19.98
C ALA A 40 -33.36 16.90 -21.29
N GLU A 41 -34.65 17.16 -21.49
CA GLU A 41 -35.34 16.66 -22.67
C GLU A 41 -34.82 17.29 -23.95
N ALA A 42 -34.41 18.56 -23.90
CA ALA A 42 -33.81 19.20 -25.06
C ALA A 42 -32.33 18.85 -25.22
N LYS A 43 -31.78 18.01 -24.33
CA LYS A 43 -30.37 17.62 -24.38
C LYS A 43 -29.47 18.84 -24.32
N ILE A 44 -29.80 19.75 -23.40
CA ILE A 44 -29.07 20.99 -23.18
C ILE A 44 -28.24 20.80 -21.91
N LYS A 45 -26.94 20.55 -22.08
CA LYS A 45 -26.07 20.35 -20.94
C LYS A 45 -25.77 21.68 -20.24
N HIS A 46 -25.61 21.62 -18.92
CA HIS A 46 -25.49 22.82 -18.11
C HIS A 46 -24.93 22.47 -16.75
N ALA A 47 -24.31 23.47 -16.11
CA ALA A 47 -23.94 23.35 -14.72
C ALA A 47 -25.07 23.87 -13.84
N THR A 48 -24.98 23.55 -12.55
CA THR A 48 -26.06 23.80 -11.60
C THR A 48 -25.46 24.16 -10.26
N ILE A 49 -25.80 25.33 -9.73
CA ILE A 49 -25.47 25.70 -8.37
C ILE A 49 -26.75 25.54 -7.54
N GLU A 50 -26.71 24.73 -6.49
CA GLU A 50 -27.86 24.53 -5.61
C GLU A 50 -27.71 25.48 -4.42
N LEU A 51 -28.40 26.62 -4.48
CA LEU A 51 -28.13 27.70 -3.53
C LEU A 51 -28.36 27.28 -2.08
N ASP A 52 -29.32 26.37 -1.83
CA ASP A 52 -29.65 25.97 -0.47
C ASP A 52 -28.66 24.97 0.14
N GLN A 53 -27.61 24.57 -0.57
CA GLN A 53 -26.53 23.77 0.00
C GLN A 53 -25.22 24.54 0.10
N LEU A 54 -25.24 25.85 -0.11
CA LEU A 54 -24.05 26.68 0.04
C LEU A 54 -24.23 27.61 1.24
N SER A 55 -23.15 27.83 1.98
CA SER A 55 -23.25 28.48 3.28
C SER A 55 -23.62 29.95 3.18
N ASN A 56 -23.40 30.58 2.03
CA ASN A 56 -23.78 31.97 1.81
C ASN A 56 -24.71 32.10 0.62
N GLY A 57 -25.60 31.12 0.47
CA GLY A 57 -26.56 31.16 -0.62
C GLY A 57 -27.46 32.38 -0.58
N SER A 58 -27.75 32.89 0.62
CA SER A 58 -28.61 34.06 0.78
C SER A 58 -27.95 35.30 0.18
N ALA A 59 -26.68 35.51 0.49
CA ALA A 59 -25.93 36.61 -0.12
C ALA A 59 -25.87 36.47 -1.65
N ILE A 60 -25.57 35.26 -2.13
CA ILE A 60 -25.56 35.01 -3.58
C ILE A 60 -26.91 35.37 -4.18
N GLN A 61 -27.99 34.94 -3.51
CA GLN A 61 -29.33 35.18 -4.01
C GLN A 61 -29.58 36.66 -4.23
N LYS A 62 -29.32 37.49 -3.22
CA LYS A 62 -29.45 38.93 -3.38
C LYS A 62 -28.49 39.47 -4.45
N CYS A 63 -27.31 38.87 -4.57
CA CYS A 63 -26.34 39.45 -5.48
C CYS A 63 -26.64 39.11 -6.95
N LEU A 64 -27.45 38.08 -7.20
CA LEU A 64 -27.90 37.79 -8.56
C LEU A 64 -28.69 38.94 -9.16
N ALA A 65 -29.39 39.72 -8.31
CA ALA A 65 -30.22 40.80 -8.82
C ALA A 65 -29.39 41.89 -9.50
N SER A 66 -28.11 42.02 -9.17
CA SER A 66 -27.28 42.96 -9.92
C SER A 66 -27.17 42.58 -11.39
N PHE A 67 -27.51 41.34 -11.74
CA PHE A 67 -27.54 40.86 -13.13
C PHE A 67 -28.94 40.72 -13.69
N SER A 68 -29.88 40.21 -12.89
CA SER A 68 -31.19 39.79 -13.40
C SER A 68 -32.34 40.64 -12.88
N LYS A 69 -32.06 41.64 -12.04
CA LYS A 69 -33.07 42.50 -11.43
C LYS A 69 -34.15 41.69 -10.71
N ILE A 70 -33.85 40.44 -10.35
CA ILE A 70 -34.71 39.63 -9.51
C ILE A 70 -33.86 38.87 -8.49
N GLU A 71 -34.54 38.30 -7.49
CA GLU A 71 -33.88 37.63 -6.39
C GLU A 71 -34.44 36.24 -6.14
N THR A 72 -35.22 35.70 -7.06
CA THR A 72 -35.80 34.38 -6.91
C THR A 72 -35.02 33.35 -7.72
N VAL A 73 -35.26 32.09 -7.44
CA VAL A 73 -34.77 30.97 -8.26
C VAL A 73 -35.95 30.45 -9.06
N PRO A 74 -35.75 29.78 -10.20
CA PRO A 74 -34.48 29.45 -10.88
C PRO A 74 -34.04 30.53 -11.86
N GLN A 75 -32.76 30.91 -11.88
CA GLN A 75 -32.26 31.85 -12.87
C GLN A 75 -31.26 31.14 -13.80
N MET A 76 -31.46 31.30 -15.10
CA MET A 76 -30.61 30.66 -16.11
C MET A 76 -29.80 31.72 -16.84
N PHE A 77 -28.48 31.50 -16.97
CA PHE A 77 -27.59 32.35 -17.73
C PHE A 77 -26.93 31.55 -18.86
N VAL A 78 -26.52 32.26 -19.92
CA VAL A 78 -25.78 31.66 -21.01
C VAL A 78 -24.67 32.64 -21.38
N ARG A 79 -23.41 32.25 -21.14
CA ARG A 79 -22.25 33.01 -21.59
C ARG A 79 -22.31 34.47 -21.13
N GLY A 80 -22.68 34.66 -19.87
CA GLY A 80 -22.69 35.98 -19.26
C GLY A 80 -23.99 36.74 -19.36
N LYS A 81 -25.02 36.18 -19.99
CA LYS A 81 -26.30 36.87 -20.20
C LYS A 81 -27.42 36.16 -19.45
N PHE A 82 -28.19 36.93 -18.67
CA PHE A 82 -29.41 36.41 -18.07
C PHE A 82 -30.40 36.05 -19.16
N ILE A 83 -30.94 34.83 -19.09
CA ILE A 83 -31.91 34.34 -20.05
C ILE A 83 -33.34 34.47 -19.53
N GLY A 84 -33.58 34.14 -18.27
CA GLY A 84 -34.88 34.37 -17.69
C GLY A 84 -35.17 33.45 -16.54
N ASP A 85 -36.39 33.59 -16.03
CA ASP A 85 -36.92 32.72 -14.98
C ASP A 85 -37.67 31.58 -15.66
N SER A 86 -38.51 30.86 -14.91
CA SER A 86 -39.12 29.66 -15.48
C SER A 86 -40.17 30.00 -16.54
N GLN A 87 -40.91 31.11 -16.37
CA GLN A 87 -41.87 31.49 -17.40
C GLN A 87 -41.16 31.90 -18.68
N THR A 88 -40.06 32.64 -18.58
CA THR A 88 -39.35 33.11 -19.77
C THR A 88 -38.68 31.95 -20.52
N VAL A 89 -38.17 30.96 -19.79
CA VAL A 89 -37.50 29.82 -20.43
C VAL A 89 -38.51 28.94 -21.14
N LEU A 90 -39.60 28.59 -20.45
CA LEU A 90 -40.64 27.76 -21.05
C LEU A 90 -41.22 28.43 -22.30
N LYS A 91 -41.45 29.75 -22.24
CA LYS A 91 -41.86 30.52 -23.42
C LYS A 91 -40.92 30.30 -24.59
N TYR A 92 -39.62 30.36 -24.34
CA TYR A 92 -38.62 30.10 -25.39
C TYR A 92 -38.72 28.66 -25.91
N TYR A 93 -38.83 27.69 -25.00
CA TYR A 93 -39.02 26.29 -25.39
C TYR A 93 -40.24 26.14 -26.29
N SER A 94 -41.41 26.51 -25.79
CA SER A 94 -42.65 26.34 -26.55
C SER A 94 -42.58 27.01 -27.92
N ASN A 95 -41.80 28.08 -28.05
CA ASN A 95 -41.77 28.86 -29.28
C ASN A 95 -40.60 28.49 -30.19
N ASP A 96 -39.87 27.41 -29.88
CA ASP A 96 -38.73 26.93 -30.66
C ASP A 96 -37.54 27.88 -30.64
N GLU A 97 -37.48 28.83 -29.71
CA GLU A 97 -36.40 29.81 -29.70
C GLU A 97 -35.25 29.42 -28.79
N LEU A 98 -35.42 28.38 -27.97
CA LEU A 98 -34.46 28.08 -26.91
C LEU A 98 -33.14 27.53 -27.44
N ALA A 99 -33.17 26.73 -28.50
CA ALA A 99 -31.93 26.16 -29.00
C ALA A 99 -31.01 27.23 -29.57
N GLY A 100 -31.56 28.19 -30.31
CA GLY A 100 -30.73 29.25 -30.87
C GLY A 100 -30.11 30.15 -29.81
N ILE A 101 -30.85 30.39 -28.73
CA ILE A 101 -30.33 31.21 -27.63
C ILE A 101 -29.13 30.53 -26.96
N VAL A 102 -29.23 29.22 -26.67
CA VAL A 102 -28.16 28.52 -25.96
C VAL A 102 -26.95 28.18 -26.82
N ASN A 103 -27.02 28.45 -28.12
CA ASN A 103 -25.86 28.27 -29.00
C ASN A 103 -25.31 29.61 -29.47
N GLU A 104 -25.83 30.71 -28.95
CA GLU A 104 -25.28 32.02 -29.28
C GLU A 104 -23.90 32.15 -28.67
N SER A 105 -22.91 32.40 -29.51
CA SER A 105 -21.55 32.57 -29.00
C SER A 105 -20.76 33.51 -29.90
N LYS A 106 -20.03 34.42 -29.25
CA LYS A 106 -19.06 35.26 -29.96
C LYS A 106 -17.92 34.43 -30.57
N TYR A 107 -17.63 33.23 -30.04
CA TYR A 107 -16.56 32.39 -30.54
C TYR A 107 -17.07 31.03 -31.02
N ASP A 108 -16.24 30.35 -31.80
CA ASP A 108 -16.55 29.00 -32.29
C ASP A 108 -16.75 28.01 -31.15
N TYR A 109 -15.84 28.03 -30.15
CA TYR A 109 -15.91 27.12 -29.02
C TYR A 109 -15.82 27.88 -27.71
N ASP A 110 -16.45 27.34 -26.68
CA ASP A 110 -16.20 27.83 -25.34
C ASP A 110 -14.78 27.53 -24.91
N LEU A 111 -14.20 26.44 -25.44
CA LEU A 111 -12.91 25.93 -24.95
C LEU A 111 -12.18 25.20 -26.07
N ILE A 112 -10.93 25.59 -26.30
CA ILE A 112 -10.03 24.86 -27.19
C ILE A 112 -8.87 24.32 -26.35
N VAL A 113 -8.67 23.00 -26.37
CA VAL A 113 -7.51 22.35 -25.77
C VAL A 113 -6.49 22.03 -26.88
N ILE A 114 -5.26 22.51 -26.73
CA ILE A 114 -4.17 22.17 -27.66
C ILE A 114 -3.34 21.07 -27.00
N GLY A 115 -3.51 19.82 -27.47
CA GLY A 115 -2.87 18.64 -26.90
C GLY A 115 -3.83 17.59 -26.36
N GLY A 116 -3.83 16.40 -26.97
CA GLY A 116 -4.73 15.34 -26.55
C GLY A 116 -4.04 14.23 -25.74
N GLY A 117 -3.36 14.61 -24.65
CA GLY A 117 -2.71 13.68 -23.76
C GLY A 117 -3.42 13.57 -22.42
N SER A 118 -2.65 13.15 -21.40
CA SER A 118 -3.20 12.89 -20.07
C SER A 118 -4.03 14.07 -19.53
N GLY A 119 -3.44 15.28 -19.53
CA GLY A 119 -4.15 16.46 -19.05
C GLY A 119 -5.19 17.04 -20.00
N GLY A 120 -4.83 17.20 -21.27
CA GLY A 120 -5.77 17.74 -22.24
C GLY A 120 -7.06 16.95 -22.36
N LEU A 121 -6.96 15.62 -22.50
CA LEU A 121 -8.17 14.78 -22.55
C LEU A 121 -8.98 14.92 -21.26
N ALA A 122 -8.33 14.94 -20.10
CA ALA A 122 -9.06 15.06 -18.85
C ALA A 122 -9.79 16.40 -18.78
N ALA A 123 -9.09 17.51 -19.11
CA ALA A 123 -9.72 18.83 -19.16
C ALA A 123 -10.89 18.86 -20.14
N GLY A 124 -10.65 18.38 -21.37
CA GLY A 124 -11.70 18.42 -22.39
C GLY A 124 -12.98 17.71 -21.97
N LYS A 125 -12.86 16.44 -21.52
CA LYS A 125 -14.04 15.65 -21.18
C LYS A 125 -14.80 16.26 -20.03
N GLU A 126 -14.10 16.91 -19.11
CA GLU A 126 -14.77 17.41 -17.92
C GLU A 126 -15.56 18.69 -18.22
N ALA A 127 -14.95 19.61 -18.98
CA ALA A 127 -15.66 20.83 -19.39
C ALA A 127 -16.95 20.52 -20.14
N ALA A 128 -16.93 19.52 -21.03
CA ALA A 128 -18.12 19.18 -21.81
C ALA A 128 -19.29 18.77 -20.91
N LYS A 129 -19.02 18.17 -19.75
CA LYS A 129 -20.09 17.77 -18.85
C LYS A 129 -20.93 18.94 -18.37
N TYR A 130 -20.38 20.16 -18.38
CA TYR A 130 -21.08 21.34 -17.87
C TYR A 130 -21.62 22.22 -18.98
N GLY A 131 -21.65 21.73 -20.21
CA GLY A 131 -22.26 22.43 -21.31
C GLY A 131 -21.30 23.22 -22.17
N ALA A 132 -20.00 23.18 -21.87
CA ALA A 132 -19.03 23.92 -22.65
C ALA A 132 -18.88 23.30 -24.03
N LYS A 133 -18.97 24.12 -25.07
CA LYS A 133 -18.71 23.67 -26.42
C LYS A 133 -17.19 23.55 -26.60
N THR A 134 -16.71 22.30 -26.70
CA THR A 134 -15.29 21.99 -26.54
C THR A 134 -14.72 21.33 -27.79
N ALA A 135 -13.53 21.76 -28.19
CA ALA A 135 -12.70 21.09 -29.19
C ALA A 135 -11.38 20.64 -28.56
N VAL A 136 -10.95 19.41 -28.84
CA VAL A 136 -9.63 18.93 -28.45
C VAL A 136 -8.80 18.64 -29.69
N LEU A 137 -7.59 19.20 -29.72
CA LEU A 137 -6.63 19.05 -30.80
C LEU A 137 -5.52 18.09 -30.39
N ASP A 138 -5.18 17.12 -31.25
CA ASP A 138 -4.00 16.29 -31.04
C ASP A 138 -3.30 15.99 -32.35
N TYR A 139 -1.96 16.06 -32.33
CA TYR A 139 -1.08 15.73 -33.45
C TYR A 139 0.22 15.17 -32.90
N VAL A 140 0.72 14.11 -33.52
CA VAL A 140 1.97 13.45 -33.10
C VAL A 140 3.00 13.65 -34.21
N GLU A 141 3.89 14.61 -34.03
CA GLU A 141 5.04 14.73 -34.90
C GLU A 141 5.87 13.45 -34.83
N PRO A 142 6.27 12.87 -35.96
CA PRO A 142 6.98 11.59 -35.93
C PRO A 142 8.42 11.73 -35.40
N THR A 143 8.96 10.60 -34.95
CA THR A 143 10.35 10.54 -34.52
C THR A 143 11.27 10.61 -35.75
N PRO A 144 12.57 10.82 -35.56
CA PRO A 144 13.47 10.89 -36.73
C PRO A 144 13.43 9.67 -37.65
N ILE A 145 13.14 8.47 -37.15
CA ILE A 145 13.02 7.31 -38.04
C ILE A 145 11.61 7.07 -38.54
N GLY A 146 10.62 7.81 -38.06
CA GLY A 146 9.26 7.75 -38.59
C GLY A 146 8.20 7.27 -37.61
N THR A 147 8.54 6.90 -36.37
CA THR A 147 7.54 6.33 -35.48
C THR A 147 6.47 7.35 -35.13
N THR A 148 5.23 6.89 -35.06
CA THR A 148 4.10 7.74 -34.70
C THR A 148 3.04 6.85 -34.03
N TRP A 149 1.98 7.46 -33.49
CA TRP A 149 1.01 6.69 -32.70
C TRP A 149 -0.31 7.46 -32.60
N GLY A 150 -1.24 6.92 -31.79
CA GLY A 150 -2.60 7.41 -31.71
C GLY A 150 -2.92 8.28 -30.50
N LEU A 151 -4.21 8.65 -30.40
CA LEU A 151 -4.66 9.61 -29.41
C LEU A 151 -4.40 9.12 -27.99
N GLY A 152 -4.03 10.04 -27.10
CA GLY A 152 -3.88 9.75 -25.68
C GLY A 152 -2.64 10.31 -24.99
N GLY A 153 -1.63 10.73 -25.77
CA GLY A 153 -0.42 11.31 -25.21
C GLY A 153 0.70 10.32 -24.94
N THR A 154 1.66 10.80 -24.13
CA THR A 154 2.96 10.17 -23.94
C THR A 154 2.89 8.94 -23.03
N CYS A 155 2.17 9.05 -21.90
CA CYS A 155 1.98 7.92 -21.00
C CYS A 155 1.32 6.74 -21.72
N VAL A 156 0.18 6.99 -22.36
CA VAL A 156 -0.63 5.95 -22.98
C VAL A 156 0.17 5.21 -24.05
N ASN A 157 0.94 5.94 -24.85
CA ASN A 157 1.56 5.39 -26.06
C ASN A 157 3.02 5.03 -25.90
N VAL A 158 3.82 5.86 -25.23
CA VAL A 158 5.28 5.67 -25.20
C VAL A 158 5.79 5.98 -23.79
N GLY A 159 4.96 5.67 -22.78
CA GLY A 159 5.30 6.01 -21.40
C GLY A 159 4.88 4.97 -20.37
N CYS A 160 4.14 5.42 -19.34
CA CYS A 160 3.79 4.60 -18.17
C CYS A 160 3.19 3.26 -18.58
N ILE A 161 2.23 3.26 -19.52
CA ILE A 161 1.46 2.05 -19.82
C ILE A 161 2.34 1.00 -20.49
N PRO A 162 3.01 1.27 -21.62
CA PRO A 162 3.91 0.22 -22.16
C PRO A 162 5.14 -0.05 -21.29
N LYS A 163 5.69 0.96 -20.59
CA LYS A 163 6.90 0.70 -19.81
C LYS A 163 6.65 -0.28 -18.66
N LYS A 164 5.48 -0.17 -18.00
CA LYS A 164 5.14 -1.08 -16.90
C LYS A 164 4.74 -2.46 -17.38
N LEU A 165 4.15 -2.58 -18.57
CA LEU A 165 3.87 -3.93 -19.07
C LEU A 165 5.18 -4.66 -19.35
N MET A 166 6.16 -3.95 -19.94
CA MET A 166 7.47 -4.54 -20.21
C MET A 166 8.19 -4.87 -18.90
N HIS A 167 8.15 -3.95 -17.92
CA HIS A 167 8.60 -4.26 -16.57
C HIS A 167 7.97 -5.56 -16.08
N GLN A 168 6.65 -5.66 -16.27
CA GLN A 168 5.93 -6.84 -15.80
C GLN A 168 6.44 -8.10 -16.49
N ALA A 169 6.74 -8.00 -17.78
CA ALA A 169 7.34 -9.14 -18.48
C ALA A 169 8.65 -9.56 -17.83
N GLY A 170 9.45 -8.58 -17.38
CA GLY A 170 10.72 -8.90 -16.75
C GLY A 170 10.56 -9.52 -15.38
N LEU A 171 9.56 -9.07 -14.63
CA LEU A 171 9.30 -9.62 -13.30
C LEU A 171 8.89 -11.07 -13.37
N LEU A 172 8.13 -11.44 -14.41
CA LEU A 172 7.72 -12.81 -14.55
C LEU A 172 8.90 -13.77 -14.72
N SER A 173 10.08 -13.27 -15.12
CA SER A 173 11.20 -14.18 -15.30
C SER A 173 11.73 -14.67 -13.97
N HIS A 174 11.73 -13.80 -12.94
CA HIS A 174 12.09 -14.26 -11.61
C HIS A 174 10.97 -15.08 -11.01
N ALA A 175 9.71 -14.79 -11.36
CA ALA A 175 8.61 -15.62 -10.89
C ALA A 175 8.71 -17.05 -11.41
N LEU A 176 9.21 -17.24 -12.65
CA LEU A 176 9.44 -18.59 -13.19
C LEU A 176 10.57 -19.31 -12.45
N GLU A 177 11.64 -18.57 -12.12
CA GLU A 177 12.69 -19.09 -11.25
C GLU A 177 12.13 -19.50 -9.89
N ASP A 178 11.41 -18.58 -9.24
CA ASP A 178 10.89 -18.86 -7.89
C ASP A 178 9.97 -20.07 -7.88
N ALA A 179 9.20 -20.28 -8.95
CA ALA A 179 8.26 -21.39 -9.02
C ALA A 179 8.92 -22.74 -8.70
N GLU A 180 10.12 -23.00 -9.22
CA GLU A 180 10.78 -24.27 -8.91
C GLU A 180 10.86 -24.51 -7.41
N HIS A 181 11.32 -23.51 -6.67
CA HIS A 181 11.58 -23.69 -5.25
C HIS A 181 10.29 -23.97 -4.46
N PHE A 182 9.15 -23.47 -4.92
CA PHE A 182 7.86 -23.71 -4.25
C PHE A 182 7.18 -24.97 -4.76
N GLY A 183 7.83 -25.75 -5.64
CA GLY A 183 7.39 -27.10 -5.98
C GLY A 183 6.88 -27.35 -7.40
N TRP A 184 6.92 -26.38 -8.30
CA TRP A 184 6.47 -26.61 -9.67
C TRP A 184 7.60 -27.23 -10.51
N SER A 185 7.20 -28.06 -11.48
CA SER A 185 8.11 -28.96 -12.17
C SER A 185 9.01 -28.27 -13.21
N LEU A 186 8.58 -27.13 -13.75
CA LEU A 186 9.32 -26.41 -14.79
C LEU A 186 10.81 -26.24 -14.48
N ASP A 187 11.62 -26.05 -15.54
CA ASP A 187 13.03 -25.70 -15.41
C ASP A 187 13.28 -24.38 -16.12
N ARG A 188 13.58 -23.33 -15.34
CA ARG A 188 13.78 -21.98 -15.88
C ARG A 188 14.86 -21.94 -16.96
N SER A 189 15.88 -22.80 -16.86
CA SER A 189 17.02 -22.77 -17.77
C SER A 189 16.65 -23.03 -19.23
N LYS A 190 15.54 -23.71 -19.48
CA LYS A 190 15.18 -24.05 -20.85
C LYS A 190 14.03 -23.21 -21.40
N ILE A 191 13.80 -22.03 -20.82
CA ILE A 191 12.73 -21.12 -21.22
C ILE A 191 13.35 -19.81 -21.65
N SER A 192 12.81 -19.24 -22.72
CA SER A 192 13.38 -18.04 -23.32
C SER A 192 12.25 -17.12 -23.73
N HIS A 193 12.60 -15.89 -24.12
CA HIS A 193 11.64 -14.82 -24.33
C HIS A 193 11.63 -14.36 -25.79
N ASN A 194 10.40 -14.14 -26.32
CA ASN A 194 10.15 -13.67 -27.69
C ASN A 194 9.72 -12.20 -27.64
N TRP A 195 10.61 -11.31 -28.08
CA TRP A 195 10.36 -9.88 -28.01
C TRP A 195 9.10 -9.48 -28.79
N SER A 196 8.96 -9.97 -30.03
CA SER A 196 7.88 -9.45 -30.87
C SER A 196 6.51 -9.90 -30.39
N THR A 197 6.42 -11.06 -29.70
CA THR A 197 5.16 -11.49 -29.12
C THR A 197 4.70 -10.53 -28.02
N MET A 198 5.61 -10.17 -27.11
CA MET A 198 5.36 -9.11 -26.13
C MET A 198 4.89 -7.81 -26.77
N VAL A 199 5.63 -7.32 -27.77
CA VAL A 199 5.29 -6.02 -28.36
C VAL A 199 3.89 -6.06 -28.97
N GLU A 200 3.51 -7.19 -29.57
CA GLU A 200 2.17 -7.29 -30.13
C GLU A 200 1.10 -7.19 -29.04
N GLY A 201 1.27 -7.93 -27.95
CA GLY A 201 0.31 -7.82 -26.84
C GLY A 201 0.25 -6.42 -26.25
N VAL A 202 1.39 -5.72 -26.22
CA VAL A 202 1.44 -4.38 -25.66
C VAL A 202 0.76 -3.40 -26.60
N GLN A 203 1.07 -3.51 -27.88
CA GLN A 203 0.50 -2.59 -28.87
C GLN A 203 -1.00 -2.80 -29.03
N SER A 204 -1.47 -4.03 -28.79
CA SER A 204 -2.90 -4.33 -28.84
C SER A 204 -3.65 -3.65 -27.70
N HIS A 205 -3.08 -3.65 -26.49
CA HIS A 205 -3.69 -2.89 -25.40
C HIS A 205 -3.66 -1.40 -25.67
N ILE A 206 -2.55 -0.88 -26.23
CA ILE A 206 -2.49 0.55 -26.49
C ILE A 206 -3.54 0.94 -27.53
N GLY A 207 -3.75 0.07 -28.54
CA GLY A 207 -4.74 0.33 -29.55
C GLY A 207 -6.13 0.42 -28.97
N SER A 208 -6.43 -0.43 -27.99
CA SER A 208 -7.72 -0.36 -27.33
C SER A 208 -7.89 0.94 -26.55
N LEU A 209 -6.80 1.53 -26.03
CA LEU A 209 -6.90 2.83 -25.38
C LEU A 209 -7.07 3.96 -26.39
N ASN A 210 -6.35 3.92 -27.51
CA ASN A 210 -6.58 4.88 -28.58
C ASN A 210 -8.05 4.93 -28.96
N TRP A 211 -8.65 3.74 -29.14
CA TRP A 211 -10.03 3.62 -29.58
C TRP A 211 -10.99 4.14 -28.52
N GLY A 212 -10.74 3.78 -27.26
CA GLY A 212 -11.64 4.16 -26.19
C GLY A 212 -11.71 5.65 -25.94
N TYR A 213 -10.59 6.37 -26.15
CA TYR A 213 -10.59 7.82 -26.02
C TYR A 213 -11.39 8.49 -27.15
N LYS A 214 -11.31 7.97 -28.38
CA LYS A 214 -12.11 8.53 -29.46
C LYS A 214 -13.60 8.35 -29.18
N VAL A 215 -13.98 7.16 -28.68
CA VAL A 215 -15.35 6.90 -28.28
C VAL A 215 -15.78 7.84 -27.15
N ALA A 216 -14.90 8.02 -26.14
CA ALA A 216 -15.21 8.93 -25.03
C ALA A 216 -15.47 10.36 -25.51
N LEU A 217 -14.63 10.87 -26.40
CA LEU A 217 -14.86 12.23 -26.89
C LEU A 217 -16.15 12.31 -27.71
N ARG A 218 -16.41 11.29 -28.54
CA ARG A 218 -17.66 11.26 -29.30
C ARG A 218 -18.89 11.28 -28.38
N ASP A 219 -18.89 10.47 -27.33
CA ASP A 219 -20.06 10.38 -26.45
C ASP A 219 -20.22 11.57 -25.50
N ASN A 220 -19.23 12.46 -25.42
CA ASN A 220 -19.36 13.70 -24.68
C ASN A 220 -19.58 14.91 -25.60
N GLN A 221 -19.66 14.70 -26.91
CA GLN A 221 -19.85 15.76 -27.90
C GLN A 221 -18.65 16.71 -27.94
N VAL A 222 -17.46 16.21 -27.68
CA VAL A 222 -16.24 16.98 -27.84
C VAL A 222 -15.77 16.79 -29.28
N THR A 223 -15.40 17.89 -29.92
CA THR A 223 -14.86 17.80 -31.28
C THR A 223 -13.40 17.41 -31.22
N TYR A 224 -13.05 16.28 -31.85
CA TYR A 224 -11.67 15.85 -31.96
C TYR A 224 -11.15 16.14 -33.37
N LEU A 225 -10.13 17.00 -33.46
CA LEU A 225 -9.45 17.30 -34.72
C LEU A 225 -8.01 16.81 -34.63
N ASN A 226 -7.66 15.83 -35.46
CA ASN A 226 -6.27 15.34 -35.51
C ASN A 226 -5.42 16.31 -36.33
N ALA A 227 -5.15 17.47 -35.72
CA ALA A 227 -4.50 18.59 -36.41
C ALA A 227 -3.50 19.26 -35.49
N LYS A 228 -2.44 19.83 -36.07
CA LYS A 228 -1.50 20.63 -35.30
C LYS A 228 -2.05 22.04 -35.07
N GLY A 229 -2.05 22.48 -33.81
CA GLY A 229 -2.60 23.78 -33.44
C GLY A 229 -1.52 24.77 -33.04
N ARG A 230 -1.76 26.06 -33.32
CA ARG A 230 -0.86 27.15 -32.98
C ARG A 230 -1.66 28.35 -32.52
N LEU A 231 -1.31 28.93 -31.37
CA LEU A 231 -2.03 30.08 -30.83
C LEU A 231 -1.42 31.35 -31.42
N ILE A 232 -2.19 32.05 -32.26
CA ILE A 232 -1.68 33.26 -32.92
C ILE A 232 -2.15 34.56 -32.27
N SER A 233 -3.22 34.51 -31.47
CA SER A 233 -3.70 35.65 -30.69
C SER A 233 -4.49 35.08 -29.52
N PRO A 234 -4.85 35.91 -28.53
CA PRO A 234 -5.46 35.35 -27.31
C PRO A 234 -6.68 34.45 -27.54
N HIS A 235 -7.40 34.61 -28.66
CA HIS A 235 -8.58 33.80 -28.92
C HIS A 235 -8.53 33.03 -30.24
N GLU A 236 -7.48 33.18 -31.03
CA GLU A 236 -7.39 32.55 -32.34
C GLU A 236 -6.37 31.41 -32.33
N VAL A 237 -6.80 30.24 -32.79
CA VAL A 237 -5.95 29.05 -32.89
C VAL A 237 -5.89 28.64 -34.36
N GLN A 238 -4.69 28.62 -34.92
CA GLN A 238 -4.44 28.20 -36.29
C GLN A 238 -4.25 26.69 -36.34
N ILE A 239 -5.01 26.01 -37.20
CA ILE A 239 -4.91 24.56 -37.33
C ILE A 239 -4.39 24.21 -38.72
N THR A 240 -3.65 23.10 -38.79
CA THR A 240 -3.11 22.58 -40.05
C THR A 240 -3.48 21.11 -40.18
N ASP A 241 -4.20 20.80 -41.27
CA ASP A 241 -4.78 19.49 -41.62
C ASP A 241 -3.71 18.42 -41.84
N LYS A 242 -4.18 17.16 -41.86
CA LYS A 242 -3.35 16.08 -42.40
C LYS A 242 -3.19 16.18 -43.92
N ASN A 243 -3.92 17.10 -44.56
CA ASN A 243 -3.72 17.44 -45.96
C ASN A 243 -3.10 18.82 -46.13
N GLN A 244 -2.55 19.38 -45.05
CA GLN A 244 -1.88 20.68 -45.04
C GLN A 244 -2.84 21.85 -45.28
N LYS A 245 -4.15 21.64 -45.12
CA LYS A 245 -5.08 22.75 -45.17
C LYS A 245 -4.98 23.60 -43.91
N VAL A 246 -4.76 24.90 -44.05
CA VAL A 246 -4.65 25.77 -42.89
C VAL A 246 -5.96 26.54 -42.70
N SER A 247 -6.36 26.73 -41.44
CA SER A 247 -7.59 27.43 -41.09
C SER A 247 -7.48 27.95 -39.65
N THR A 248 -8.39 28.84 -39.28
CA THR A 248 -8.38 29.50 -37.97
C THR A 248 -9.70 29.24 -37.26
N ILE A 249 -9.63 28.75 -36.02
CA ILE A 249 -10.80 28.65 -35.15
C ILE A 249 -10.59 29.53 -33.94
N THR A 250 -11.71 29.87 -33.29
CA THR A 250 -11.71 30.80 -32.18
C THR A 250 -12.27 30.13 -30.94
N GLY A 251 -11.80 30.57 -29.78
CA GLY A 251 -12.36 30.07 -28.53
C GLY A 251 -12.22 31.08 -27.42
N ASN A 252 -13.19 31.05 -26.50
CA ASN A 252 -13.16 31.93 -25.33
C ASN A 252 -11.98 31.62 -24.41
N LYS A 253 -11.87 30.37 -23.96
CA LYS A 253 -10.81 29.92 -23.06
C LYS A 253 -9.90 28.95 -23.81
N ILE A 254 -8.61 29.07 -23.56
CA ILE A 254 -7.58 28.26 -24.22
C ILE A 254 -6.80 27.52 -23.14
N ILE A 255 -6.66 26.19 -23.29
CA ILE A 255 -5.78 25.40 -22.42
C ILE A 255 -4.66 24.83 -23.27
N LEU A 256 -3.42 25.16 -22.92
CA LEU A 256 -2.23 24.59 -23.53
C LEU A 256 -1.81 23.33 -22.77
N ALA A 257 -1.66 22.21 -23.49
CA ALA A 257 -1.37 20.92 -22.87
C ALA A 257 -0.63 20.02 -23.86
N THR A 258 0.55 20.46 -24.30
CA THR A 258 1.23 19.85 -25.44
C THR A 258 2.38 18.92 -25.07
N GLY A 259 2.73 18.82 -23.78
CA GLY A 259 3.79 17.96 -23.29
C GLY A 259 5.16 18.22 -23.87
N GLU A 260 5.95 17.14 -23.92
CA GLU A 260 7.39 17.21 -24.16
C GLU A 260 7.78 16.06 -25.09
N ARG A 261 9.02 16.10 -25.55
CA ARG A 261 9.58 15.01 -26.33
C ARG A 261 11.02 14.80 -25.89
N PRO A 262 11.61 13.64 -26.20
CA PRO A 262 12.98 13.36 -25.73
C PRO A 262 14.05 14.19 -26.45
N LYS A 263 15.08 14.57 -25.70
CA LYS A 263 16.26 15.26 -26.23
C LYS A 263 17.27 14.29 -26.80
N TYR A 264 18.10 14.81 -27.69
CA TYR A 264 19.27 14.13 -28.20
C TYR A 264 20.50 14.94 -27.85
N PRO A 265 21.61 14.32 -27.52
CA PRO A 265 22.85 15.08 -27.40
C PRO A 265 23.32 15.54 -28.76
N GLU A 266 24.09 16.63 -28.77
CA GLU A 266 24.62 17.16 -30.02
C GLU A 266 25.96 16.50 -30.33
N ILE A 267 25.89 15.30 -30.88
CA ILE A 267 27.08 14.58 -31.34
C ILE A 267 26.77 13.92 -32.67
N PRO A 268 27.80 13.75 -33.51
CA PRO A 268 27.59 13.06 -34.80
C PRO A 268 27.06 11.65 -34.62
N GLY A 269 26.10 11.29 -35.47
CA GLY A 269 25.50 9.97 -35.47
C GLY A 269 24.35 9.77 -34.50
N ALA A 270 24.06 10.74 -33.63
CA ALA A 270 23.09 10.50 -32.58
C ALA A 270 21.67 10.42 -33.15
N VAL A 271 21.25 11.45 -33.91
CA VAL A 271 19.93 11.44 -34.53
C VAL A 271 19.83 10.38 -35.62
N GLU A 272 20.92 10.17 -36.38
CA GLU A 272 20.87 9.26 -37.53
C GLU A 272 20.81 7.80 -37.10
N TYR A 273 21.57 7.39 -36.09
CA TYR A 273 21.73 5.97 -35.81
C TYR A 273 21.20 5.51 -34.45
N GLY A 274 20.89 6.43 -33.54
CA GLY A 274 20.30 6.06 -32.27
C GLY A 274 18.77 6.17 -32.29
N ILE A 275 18.16 5.75 -31.17
CA ILE A 275 16.72 5.86 -30.94
C ILE A 275 16.48 6.42 -29.55
N THR A 276 15.22 6.71 -29.25
CA THR A 276 14.81 7.04 -27.88
C THR A 276 13.65 6.15 -27.42
N SER A 277 13.12 6.44 -26.24
CA SER A 277 11.97 5.68 -25.75
C SER A 277 10.77 5.79 -26.69
N ASP A 278 10.64 6.92 -27.39
CA ASP A 278 9.54 7.10 -28.36
C ASP A 278 9.46 5.92 -29.32
N ASP A 279 10.63 5.35 -29.70
CA ASP A 279 10.76 4.28 -30.68
C ASP A 279 10.76 2.89 -30.06
N LEU A 280 11.18 2.78 -28.79
CA LEU A 280 11.46 1.48 -28.19
C LEU A 280 10.20 0.63 -28.01
N PHE A 281 9.08 1.25 -27.60
CA PHE A 281 7.92 0.46 -27.23
C PHE A 281 7.15 -0.13 -28.44
N SER A 282 7.51 0.22 -29.68
CA SER A 282 6.96 -0.44 -30.87
C SER A 282 8.03 -1.02 -31.79
N LEU A 283 9.27 -1.10 -31.33
CA LEU A 283 10.36 -1.60 -32.16
C LEU A 283 10.06 -3.02 -32.66
N PRO A 284 10.12 -3.28 -33.96
CA PRO A 284 9.75 -4.61 -34.47
C PRO A 284 10.78 -5.70 -34.20
N TYR A 285 12.05 -5.36 -33.99
CA TYR A 285 13.12 -6.32 -33.69
C TYR A 285 13.58 -6.16 -32.25
N PHE A 286 14.12 -7.24 -31.69
CA PHE A 286 14.71 -7.14 -30.36
C PHE A 286 15.95 -6.25 -30.45
N PRO A 287 16.15 -5.34 -29.49
CA PRO A 287 17.30 -4.41 -29.58
C PRO A 287 18.66 -5.07 -29.70
N GLY A 288 18.84 -6.28 -29.15
CA GLY A 288 20.14 -6.93 -29.08
C GLY A 288 21.01 -6.35 -27.97
N LYS A 289 22.33 -6.40 -28.20
CA LYS A 289 23.24 -5.72 -27.30
C LYS A 289 23.00 -4.22 -27.35
N THR A 290 22.62 -3.64 -26.20
CA THR A 290 22.11 -2.28 -26.11
C THR A 290 22.99 -1.43 -25.21
N LEU A 291 23.19 -0.18 -25.63
CA LEU A 291 23.78 0.86 -24.80
C LEU A 291 22.69 1.88 -24.48
N VAL A 292 22.43 2.08 -23.18
CA VAL A 292 21.52 3.14 -22.73
C VAL A 292 22.37 4.28 -22.21
N ILE A 293 22.16 5.48 -22.74
CA ILE A 293 22.95 6.66 -22.37
C ILE A 293 22.09 7.57 -21.53
N GLY A 294 22.54 7.86 -20.31
CA GLY A 294 21.77 8.64 -19.36
C GLY A 294 21.47 7.84 -18.10
N ALA A 295 20.92 8.55 -17.10
CA ALA A 295 20.75 7.93 -15.79
C ALA A 295 19.47 8.35 -15.07
N SER A 296 18.47 8.86 -15.78
CA SER A 296 17.17 9.18 -15.21
C SER A 296 16.35 7.90 -15.01
N TYR A 297 15.14 8.08 -14.47
CA TYR A 297 14.30 6.92 -14.26
C TYR A 297 13.90 6.26 -15.59
N VAL A 298 13.78 7.02 -16.68
CA VAL A 298 13.53 6.38 -17.97
C VAL A 298 14.69 5.46 -18.35
N ALA A 299 15.93 5.99 -18.27
CA ALA A 299 17.13 5.20 -18.58
C ALA A 299 17.20 3.93 -17.77
N LEU A 300 16.96 4.02 -16.45
CA LEU A 300 17.18 2.89 -15.56
C LEU A 300 16.05 1.85 -15.61
N GLU A 301 14.80 2.31 -15.79
CA GLU A 301 13.68 1.38 -15.94
C GLU A 301 13.83 0.57 -17.24
N CYS A 302 14.23 1.22 -18.34
CA CYS A 302 14.37 0.51 -19.61
C CYS A 302 15.55 -0.46 -19.58
N ALA A 303 16.71 -0.01 -19.08
CA ALA A 303 17.82 -0.93 -18.94
C ALA A 303 17.42 -2.13 -18.09
N GLY A 304 16.65 -1.87 -17.03
CA GLY A 304 16.13 -2.90 -16.14
C GLY A 304 15.38 -4.03 -16.81
N PHE A 305 14.29 -3.74 -17.56
CA PHE A 305 13.56 -4.87 -18.11
C PHE A 305 14.27 -5.49 -19.31
N LEU A 306 15.06 -4.71 -20.06
CA LEU A 306 15.82 -5.30 -21.15
C LEU A 306 16.78 -6.36 -20.63
N ALA A 307 17.34 -6.15 -19.44
CA ALA A 307 18.21 -7.15 -18.84
C ALA A 307 17.41 -8.41 -18.44
N SER A 308 16.32 -8.21 -17.70
CA SER A 308 15.46 -9.31 -17.26
C SER A 308 14.92 -10.14 -18.43
N LEU A 309 14.76 -9.55 -19.60
CA LEU A 309 14.33 -10.30 -20.77
C LEU A 309 15.49 -11.01 -21.48
N GLY A 310 16.70 -10.96 -20.93
CA GLY A 310 17.82 -11.71 -21.47
C GLY A 310 18.85 -10.89 -22.20
N GLY A 311 18.66 -9.58 -22.35
CA GLY A 311 19.57 -8.79 -23.16
C GLY A 311 20.86 -8.39 -22.45
N ASP A 312 21.84 -8.04 -23.27
CA ASP A 312 23.17 -7.60 -22.84
C ASP A 312 23.15 -6.07 -22.78
N VAL A 313 23.14 -5.51 -21.57
CA VAL A 313 22.74 -4.12 -21.35
C VAL A 313 23.81 -3.33 -20.61
N THR A 314 24.15 -2.15 -21.13
CA THR A 314 25.10 -1.23 -20.52
C THR A 314 24.46 0.15 -20.39
N VAL A 315 24.65 0.79 -19.22
CA VAL A 315 24.25 2.18 -18.96
C VAL A 315 25.49 3.07 -18.87
N MET A 316 25.48 4.19 -19.57
CA MET A 316 26.57 5.17 -19.54
C MET A 316 26.14 6.36 -18.69
N VAL A 317 26.84 6.57 -17.57
CA VAL A 317 26.47 7.57 -16.57
C VAL A 317 27.47 8.74 -16.64
N ARG A 318 26.97 9.94 -16.94
CA ARG A 318 27.78 11.16 -16.83
C ARG A 318 28.27 11.35 -15.39
N SER A 319 27.36 11.50 -14.42
CA SER A 319 27.73 11.70 -13.01
C SER A 319 27.07 10.72 -12.07
N ILE A 320 25.84 11.00 -11.63
CA ILE A 320 25.13 10.19 -10.64
C ILE A 320 23.85 9.59 -11.27
N LEU A 321 23.25 8.64 -10.53
CA LEU A 321 21.95 8.05 -10.88
C LEU A 321 20.82 8.83 -10.22
N LEU A 322 19.71 9.01 -10.95
CA LEU A 322 18.49 9.57 -10.38
C LEU A 322 18.76 10.90 -9.67
N ARG A 323 19.42 11.82 -10.37
CA ARG A 323 19.62 13.17 -9.84
C ARG A 323 18.28 13.77 -9.40
N GLY A 324 18.27 14.35 -8.21
CA GLY A 324 17.05 14.91 -7.63
C GLY A 324 16.27 13.97 -6.73
N PHE A 325 16.56 12.67 -6.73
CA PHE A 325 16.00 11.73 -5.78
C PHE A 325 17.01 11.48 -4.67
N ASP A 326 16.52 11.03 -3.52
CA ASP A 326 17.36 10.66 -2.38
C ASP A 326 18.52 9.78 -2.84
N GLN A 327 19.77 10.26 -2.64
CA GLN A 327 20.93 9.62 -3.26
C GLN A 327 21.29 8.27 -2.64
N GLN A 328 21.01 8.07 -1.35
CA GLN A 328 21.23 6.74 -0.77
C GLN A 328 20.30 5.71 -1.40
N MET A 329 19.04 6.07 -1.60
CA MET A 329 18.09 5.16 -2.24
C MET A 329 18.51 4.86 -3.67
N ALA A 330 18.98 5.88 -4.40
CA ALA A 330 19.40 5.66 -5.80
C ALA A 330 20.59 4.71 -5.90
N GLU A 331 21.53 4.83 -4.97
CA GLU A 331 22.67 3.93 -4.98
C GLU A 331 22.23 2.49 -4.73
N LYS A 332 21.27 2.30 -3.82
CA LYS A 332 20.75 0.95 -3.58
C LYS A 332 20.05 0.41 -4.82
N VAL A 333 19.29 1.26 -5.52
CA VAL A 333 18.62 0.87 -6.75
C VAL A 333 19.63 0.40 -7.77
N GLY A 334 20.73 1.14 -7.91
CA GLY A 334 21.72 0.81 -8.94
C GLY A 334 22.57 -0.40 -8.60
N ASP A 335 22.98 -0.52 -7.31
CA ASP A 335 23.71 -1.70 -6.85
C ASP A 335 22.93 -2.99 -7.13
N TYR A 336 21.62 -2.99 -6.88
CA TYR A 336 20.83 -4.18 -7.14
C TYR A 336 20.80 -4.50 -8.64
N MET A 337 20.58 -3.49 -9.48
CA MET A 337 20.65 -3.72 -10.92
C MET A 337 22.00 -4.32 -11.34
N GLU A 338 23.10 -3.84 -10.73
CA GLU A 338 24.41 -4.33 -11.15
C GLU A 338 24.64 -5.77 -10.69
N ASN A 339 24.09 -6.17 -9.54
CA ASN A 339 24.18 -7.56 -9.14
C ASN A 339 23.32 -8.49 -9.98
N HIS A 340 22.36 -7.97 -10.71
CA HIS A 340 21.46 -8.80 -11.50
C HIS A 340 21.61 -8.56 -13.00
N GLY A 341 22.85 -8.33 -13.46
CA GLY A 341 23.09 -8.31 -14.89
C GLY A 341 23.47 -7.01 -15.55
N VAL A 342 22.94 -5.86 -15.12
CA VAL A 342 23.17 -4.60 -15.85
C VAL A 342 24.60 -4.11 -15.62
N LYS A 343 25.30 -3.80 -16.71
CA LYS A 343 26.65 -3.25 -16.62
C LYS A 343 26.60 -1.73 -16.64
N PHE A 344 27.56 -1.09 -15.97
CA PHE A 344 27.59 0.37 -15.86
C PHE A 344 28.95 0.93 -16.30
N ALA A 345 28.93 1.97 -17.14
CA ALA A 345 30.14 2.70 -17.55
C ALA A 345 30.11 4.06 -16.88
N LYS A 346 30.81 4.17 -15.75
CA LYS A 346 30.61 5.26 -14.80
C LYS A 346 31.51 6.44 -15.12
N LEU A 347 30.98 7.65 -14.89
CA LEU A 347 31.69 8.91 -15.18
C LEU A 347 32.11 8.97 -16.65
N CYS A 348 31.16 8.72 -17.53
CA CYS A 348 31.45 8.50 -18.95
C CYS A 348 30.42 9.24 -19.81
N VAL A 349 30.87 9.64 -20.99
CA VAL A 349 30.08 10.49 -21.89
C VAL A 349 30.41 10.14 -23.32
N PRO A 350 29.40 10.18 -24.21
CA PRO A 350 29.61 9.77 -25.61
C PRO A 350 30.08 10.90 -26.52
N ASP A 351 30.98 10.58 -27.46
CA ASP A 351 31.49 11.57 -28.42
C ASP A 351 30.95 11.43 -29.84
N GLU A 352 30.72 10.21 -30.33
CA GLU A 352 30.10 10.03 -31.65
C GLU A 352 29.63 8.58 -31.80
N ILE A 353 28.62 8.39 -32.65
CA ILE A 353 28.14 7.07 -33.07
C ILE A 353 28.50 6.89 -34.54
N LYS A 354 29.09 5.75 -34.88
CA LYS A 354 29.42 5.37 -36.26
C LYS A 354 28.62 4.13 -36.65
N GLN A 355 28.21 4.07 -37.93
CA GLN A 355 27.38 2.98 -38.44
C GLN A 355 28.23 1.93 -39.14
N LEU A 356 28.07 0.68 -38.73
CA LEU A 356 28.77 -0.49 -39.28
C LEU A 356 27.88 -1.36 -40.15
N LYS A 357 26.65 -1.63 -39.69
CA LYS A 357 25.59 -2.27 -40.48
C LYS A 357 24.33 -1.41 -40.40
N VAL A 358 23.69 -1.20 -41.55
CA VAL A 358 22.36 -0.60 -41.60
C VAL A 358 21.34 -1.56 -40.97
N VAL A 359 20.23 -1.00 -40.47
CA VAL A 359 19.14 -1.82 -39.94
C VAL A 359 18.53 -2.67 -41.05
N ASP A 360 18.37 -3.97 -40.78
CA ASP A 360 17.81 -4.93 -41.76
C ASP A 360 16.30 -5.06 -41.55
N THR A 361 15.51 -4.35 -42.37
CA THR A 361 14.05 -4.47 -42.27
C THR A 361 13.53 -5.80 -42.80
N GLU A 362 14.14 -6.32 -43.87
CA GLU A 362 13.62 -7.55 -44.47
C GLU A 362 13.68 -8.69 -43.46
N ASN A 363 14.88 -9.08 -43.04
CA ASN A 363 15.07 -10.16 -42.07
C ASN A 363 14.72 -9.78 -40.64
N ASN A 364 14.31 -8.53 -40.38
CA ASN A 364 13.86 -8.08 -39.06
C ASN A 364 14.96 -8.20 -38.00
N LYS A 365 16.02 -7.42 -38.18
CA LYS A 365 17.20 -7.48 -37.33
C LYS A 365 17.77 -6.08 -37.15
N PRO A 366 18.35 -5.79 -36.00
CA PRO A 366 18.98 -4.47 -35.81
C PRO A 366 20.25 -4.34 -36.65
N GLY A 367 20.77 -3.12 -36.72
CA GLY A 367 22.06 -2.88 -37.35
C GLY A 367 23.26 -3.19 -36.45
N LEU A 368 24.29 -2.36 -36.53
CA LEU A 368 25.50 -2.52 -35.73
C LEU A 368 26.21 -1.17 -35.69
N LEU A 369 26.66 -0.76 -34.50
CA LEU A 369 27.17 0.58 -34.28
C LEU A 369 28.46 0.54 -33.48
N LEU A 370 29.33 1.51 -33.72
CA LEU A 370 30.53 1.71 -32.93
C LEU A 370 30.36 3.00 -32.14
N VAL A 371 30.48 2.93 -30.82
CA VAL A 371 30.34 4.10 -29.97
C VAL A 371 31.69 4.48 -29.37
N LYS A 372 32.04 5.76 -29.49
CA LYS A 372 33.27 6.33 -28.95
C LYS A 372 32.94 7.40 -27.91
N GLY A 373 33.68 7.38 -26.79
CA GLY A 373 33.50 8.36 -25.73
C GLY A 373 34.73 8.51 -24.85
N HIS A 374 34.55 9.20 -23.72
CA HIS A 374 35.66 9.38 -22.76
C HIS A 374 35.14 9.49 -21.33
N TYR A 375 35.96 9.01 -20.38
CA TYR A 375 35.74 9.13 -18.95
C TYR A 375 36.27 10.48 -18.42
N THR A 376 35.83 10.89 -17.22
CA THR A 376 36.13 12.23 -16.75
C THR A 376 37.64 12.49 -16.64
N ASP A 377 38.45 11.45 -16.47
CA ASP A 377 39.89 11.62 -16.36
C ASP A 377 40.62 11.58 -17.68
N GLY A 378 39.91 11.38 -18.80
CA GLY A 378 40.48 11.44 -20.13
C GLY A 378 40.56 10.11 -20.85
N LYS A 379 40.68 8.99 -20.11
CA LYS A 379 40.76 7.68 -20.74
C LYS A 379 39.60 7.47 -21.72
N LYS A 380 39.82 6.65 -22.74
CA LYS A 380 38.88 6.58 -23.85
C LYS A 380 37.91 5.42 -23.69
N PHE A 381 36.72 5.59 -24.28
CA PHE A 381 35.70 4.56 -24.35
C PHE A 381 35.47 4.19 -25.81
N GLU A 382 35.46 2.89 -26.11
CA GLU A 382 35.16 2.44 -27.46
C GLU A 382 34.57 1.03 -27.42
N GLU A 383 33.32 0.89 -27.84
CA GLU A 383 32.65 -0.41 -27.83
C GLU A 383 31.61 -0.47 -28.94
N GLU A 384 31.24 -1.70 -29.30
CA GLU A 384 30.21 -1.98 -30.30
C GLU A 384 28.89 -2.41 -29.66
N PHE A 385 27.77 -1.91 -30.20
CA PHE A 385 26.42 -2.28 -29.79
C PHE A 385 25.51 -2.35 -31.02
N GLU A 386 24.40 -3.08 -30.87
CA GLU A 386 23.44 -3.12 -31.97
C GLU A 386 22.42 -1.98 -31.91
N THR A 387 22.14 -1.46 -30.70
CA THR A 387 21.13 -0.43 -30.47
C THR A 387 21.65 0.57 -29.44
N VAL A 388 21.42 1.85 -29.68
CA VAL A 388 21.80 2.89 -28.72
C VAL A 388 20.56 3.70 -28.40
N ILE A 389 20.19 3.73 -27.12
CA ILE A 389 19.02 4.44 -26.62
C ILE A 389 19.50 5.67 -25.85
N PHE A 390 19.03 6.84 -26.26
CA PHE A 390 19.31 8.08 -25.55
C PHE A 390 18.15 8.41 -24.61
N ALA A 391 18.46 8.50 -23.32
CA ALA A 391 17.51 9.00 -22.32
C ALA A 391 18.24 10.12 -21.58
N VAL A 392 18.37 11.27 -22.27
CA VAL A 392 19.14 12.39 -21.73
C VAL A 392 18.22 13.59 -21.44
N GLY A 393 16.95 13.32 -21.15
CA GLY A 393 16.00 14.35 -20.72
C GLY A 393 14.93 14.63 -21.77
N ARG A 394 14.03 15.56 -21.42
CA ARG A 394 12.90 15.92 -22.26
C ARG A 394 12.68 17.42 -22.19
N GLU A 395 12.05 17.98 -23.24
CA GLU A 395 11.84 19.42 -23.31
C GLU A 395 10.56 19.72 -24.07
N PRO A 396 9.92 20.87 -23.80
CA PRO A 396 8.87 21.35 -24.68
C PRO A 396 9.47 22.12 -25.86
N GLN A 397 8.65 22.31 -26.88
CA GLN A 397 9.05 23.18 -27.97
C GLN A 397 7.87 24.13 -28.21
N LEU A 398 7.76 25.14 -27.32
CA LEU A 398 6.58 26.00 -27.36
C LEU A 398 6.65 27.04 -28.47
N SER A 399 7.80 27.19 -29.13
CA SER A 399 7.85 27.95 -30.38
C SER A 399 7.00 27.30 -31.47
N LYS A 400 6.86 25.97 -31.47
CA LYS A 400 5.95 25.32 -32.41
C LYS A 400 4.48 25.51 -32.02
N VAL A 401 4.20 25.97 -30.80
CA VAL A 401 2.84 25.98 -30.29
C VAL A 401 2.30 27.41 -30.17
N LEU A 402 3.16 28.41 -30.02
CA LEU A 402 2.75 29.64 -29.38
C LEU A 402 3.55 30.79 -30.00
N CYS A 403 2.88 31.61 -30.81
CA CYS A 403 3.51 32.81 -31.35
C CYS A 403 3.98 33.73 -30.24
N GLU A 404 5.14 34.36 -30.46
CA GLU A 404 5.73 35.23 -29.44
C GLU A 404 4.83 36.39 -29.11
N THR A 405 4.09 36.91 -30.09
CA THR A 405 3.32 38.14 -29.90
C THR A 405 2.07 37.96 -29.06
N VAL A 406 1.66 36.74 -28.74
CA VAL A 406 0.47 36.58 -27.91
C VAL A 406 0.73 37.08 -26.48
N GLY A 407 1.96 36.98 -25.99
CA GLY A 407 2.28 37.48 -24.68
C GLY A 407 2.31 36.46 -23.57
N VAL A 408 2.33 35.16 -23.89
CA VAL A 408 2.43 34.13 -22.86
C VAL A 408 3.88 34.02 -22.42
N LYS A 409 4.14 34.28 -21.14
CA LYS A 409 5.50 34.34 -20.62
C LYS A 409 6.05 32.94 -20.33
N LEU A 410 7.35 32.74 -20.62
CA LEU A 410 8.02 31.47 -20.37
C LEU A 410 9.24 31.66 -19.46
N ASP A 411 9.55 30.64 -18.67
CA ASP A 411 10.78 30.65 -17.85
C ASP A 411 11.98 30.28 -18.73
N LYS A 412 13.17 30.20 -18.12
CA LYS A 412 14.38 30.03 -18.94
C LYS A 412 14.52 28.63 -19.51
N ASN A 413 13.64 27.68 -19.14
CA ASN A 413 13.58 26.36 -19.75
C ASN A 413 12.49 26.23 -20.81
N GLY A 414 11.81 27.31 -21.16
CA GLY A 414 10.73 27.23 -22.14
C GLY A 414 9.42 26.70 -21.62
N ARG A 415 9.23 26.64 -20.31
CA ARG A 415 7.97 26.23 -19.73
C ARG A 415 7.14 27.46 -19.36
N VAL A 416 5.85 27.26 -19.14
CA VAL A 416 4.92 28.39 -19.01
C VAL A 416 4.81 28.81 -17.55
N VAL A 417 4.93 30.11 -17.30
CA VAL A 417 4.85 30.63 -15.93
C VAL A 417 3.39 30.84 -15.59
N CYS A 418 2.92 30.16 -14.55
CA CYS A 418 1.50 30.08 -14.23
C CYS A 418 1.24 30.44 -12.78
N THR A 419 0.13 31.13 -12.54
CA THR A 419 -0.32 31.33 -11.16
C THR A 419 -0.90 30.04 -10.61
N ASP A 420 -1.20 30.02 -9.30
CA ASP A 420 -1.59 28.74 -8.69
C ASP A 420 -3.02 28.25 -9.14
N ASP A 421 -3.62 28.89 -10.14
CA ASP A 421 -4.84 28.38 -10.75
C ASP A 421 -4.61 28.06 -12.21
N GLU A 422 -3.34 27.87 -12.61
CA GLU A 422 -2.93 27.47 -13.94
C GLU A 422 -3.03 28.60 -14.99
N GLN A 423 -3.26 29.86 -14.58
CA GLN A 423 -3.41 30.97 -15.52
C GLN A 423 -2.05 31.50 -16.01
N THR A 424 -2.00 31.91 -17.29
CA THR A 424 -0.78 32.47 -17.88
C THR A 424 -0.83 33.99 -17.80
N THR A 425 0.19 34.65 -18.36
CA THR A 425 0.19 36.11 -18.37
C THR A 425 -0.90 36.69 -19.30
N VAL A 426 -1.69 35.85 -19.96
CA VAL A 426 -2.82 36.29 -20.76
C VAL A 426 -4.08 35.69 -20.14
N SER A 427 -5.10 36.53 -19.91
CA SER A 427 -6.08 36.20 -18.85
C SER A 427 -7.08 35.11 -19.24
N ASN A 428 -7.25 34.82 -20.52
CA ASN A 428 -8.09 33.71 -20.97
C ASN A 428 -7.30 32.43 -21.30
N VAL A 429 -5.97 32.44 -21.14
CA VAL A 429 -5.14 31.30 -21.57
C VAL A 429 -4.54 30.61 -20.34
N TYR A 430 -4.72 29.30 -20.26
CA TYR A 430 -4.20 28.51 -19.15
C TYR A 430 -3.26 27.42 -19.67
N ALA A 431 -2.41 26.89 -18.79
CA ALA A 431 -1.54 25.78 -19.13
C ALA A 431 -1.55 24.72 -18.02
N ILE A 432 -1.47 23.44 -18.41
CA ILE A 432 -1.52 22.30 -17.49
C ILE A 432 -0.50 21.25 -17.91
N GLY A 433 -0.17 20.36 -16.97
CA GLY A 433 0.70 19.25 -17.28
C GLY A 433 2.17 19.64 -17.36
N ASP A 434 2.91 18.89 -18.20
CA ASP A 434 4.38 18.95 -18.18
C ASP A 434 4.91 20.37 -18.45
N ILE A 435 4.20 21.17 -19.25
CA ILE A 435 4.72 22.48 -19.61
C ILE A 435 4.45 23.55 -18.56
N ASN A 436 3.67 23.24 -17.52
CA ASN A 436 3.50 24.14 -16.39
C ASN A 436 4.82 24.19 -15.62
N ALA A 437 5.53 25.32 -15.69
CA ALA A 437 6.83 25.43 -15.03
C ALA A 437 6.73 25.08 -13.54
N GLY A 438 7.73 24.36 -13.04
CA GLY A 438 7.86 24.11 -11.61
C GLY A 438 7.00 23.00 -11.03
N LYS A 439 6.12 22.29 -11.86
CA LYS A 439 5.25 21.27 -11.28
C LYS A 439 5.83 19.89 -11.50
N PRO A 440 5.57 18.95 -10.59
CA PRO A 440 5.98 17.57 -10.85
C PRO A 440 5.38 17.09 -12.17
N GLN A 441 6.21 16.43 -12.98
CA GLN A 441 5.83 16.07 -14.34
C GLN A 441 5.32 14.62 -14.34
N LEU A 442 4.03 14.45 -13.98
CA LEU A 442 3.43 13.15 -13.75
C LEU A 442 2.00 13.11 -14.29
N THR A 443 1.55 11.90 -14.64
CA THR A 443 0.23 11.77 -15.28
C THR A 443 -0.92 12.03 -14.32
N PRO A 444 -0.95 11.47 -13.10
CA PRO A 444 -2.06 11.82 -12.19
C PRO A 444 -2.12 13.30 -11.84
N VAL A 445 -0.97 14.01 -11.87
CA VAL A 445 -0.96 15.44 -11.60
C VAL A 445 -1.64 16.22 -12.74
N ALA A 446 -1.23 15.94 -13.98
CA ALA A 446 -1.89 16.54 -15.14
C ALA A 446 -3.41 16.29 -15.13
N ILE A 447 -3.82 15.05 -14.85
CA ILE A 447 -5.24 14.71 -14.85
C ILE A 447 -5.98 15.52 -13.78
N GLN A 448 -5.45 15.54 -12.55
CA GLN A 448 -6.13 16.28 -11.49
C GLN A 448 -6.18 17.78 -11.80
N ALA A 449 -5.11 18.34 -12.37
CA ALA A 449 -5.09 19.76 -12.68
C ALA A 449 -6.07 20.11 -13.80
N GLY A 450 -6.13 19.30 -14.85
CA GLY A 450 -7.06 19.56 -15.95
C GLY A 450 -8.52 19.45 -15.52
N ARG A 451 -8.84 18.44 -14.71
CA ARG A 451 -10.21 18.25 -14.23
C ARG A 451 -10.64 19.38 -13.30
N TYR A 452 -9.79 19.71 -12.31
CA TYR A 452 -10.17 20.76 -11.35
C TYR A 452 -10.31 22.12 -12.04
N LEU A 453 -9.44 22.43 -13.01
CA LEU A 453 -9.51 23.70 -13.73
C LEU A 453 -10.82 23.84 -14.49
N ALA A 454 -11.18 22.81 -15.28
CA ALA A 454 -12.45 22.81 -16.00
C ALA A 454 -13.64 23.05 -15.09
N ARG A 455 -13.57 22.58 -13.85
CA ARG A 455 -14.68 22.85 -12.93
C ARG A 455 -14.73 24.30 -12.48
N ARG A 456 -13.60 25.01 -12.51
CA ARG A 456 -13.60 26.40 -12.07
C ARG A 456 -14.07 27.31 -13.21
N LEU A 457 -13.62 27.04 -14.44
CA LEU A 457 -14.01 27.83 -15.60
C LEU A 457 -15.50 27.72 -15.90
N PHE A 458 -16.12 26.57 -15.63
CA PHE A 458 -17.44 26.28 -16.19
C PHE A 458 -18.49 25.80 -15.20
N ALA A 459 -18.15 25.59 -13.91
CA ALA A 459 -19.18 25.25 -12.92
C ALA A 459 -19.05 26.06 -11.62
N GLY A 460 -18.30 27.15 -11.62
CA GLY A 460 -18.19 27.96 -10.42
C GLY A 460 -17.40 27.35 -9.28
N ALA A 461 -16.61 26.31 -9.53
CA ALA A 461 -15.81 25.69 -8.47
C ALA A 461 -14.69 26.62 -8.02
N THR A 462 -14.15 26.34 -6.83
CA THR A 462 -13.01 27.08 -6.32
C THR A 462 -11.81 26.20 -5.94
N GLU A 463 -12.00 24.90 -5.77
CA GLU A 463 -10.91 24.00 -5.37
C GLU A 463 -9.70 24.12 -6.28
N LEU A 464 -8.54 24.38 -5.69
CA LEU A 464 -7.29 24.36 -6.44
C LEU A 464 -6.62 22.99 -6.36
N THR A 465 -5.65 22.76 -7.25
CA THR A 465 -4.84 21.55 -7.19
C THR A 465 -3.67 21.72 -6.21
N ASP A 466 -3.49 20.75 -5.32
CA ASP A 466 -2.38 20.73 -4.35
C ASP A 466 -1.21 19.97 -4.96
N TYR A 467 -0.09 20.65 -5.20
CA TYR A 467 1.07 20.04 -5.85
C TYR A 467 2.15 19.54 -4.87
N SER A 468 1.91 19.60 -3.56
CA SER A 468 2.95 19.31 -2.58
C SER A 468 2.88 17.87 -2.09
N ASN A 469 4.05 17.25 -1.95
CA ASN A 469 4.18 15.90 -1.39
C ASN A 469 3.50 14.84 -2.25
N VAL A 470 3.60 15.01 -3.58
CA VAL A 470 3.06 14.02 -4.51
C VAL A 470 4.01 12.84 -4.56
N ALA A 471 3.46 11.63 -4.41
CA ALA A 471 4.27 10.44 -4.28
C ALA A 471 4.66 9.89 -5.65
N THR A 472 5.73 9.11 -5.66
CA THR A 472 6.34 8.62 -6.89
C THR A 472 6.75 7.16 -6.72
N THR A 473 6.87 6.46 -7.83
CA THR A 473 7.47 5.13 -7.84
C THR A 473 8.34 4.99 -9.07
N VAL A 474 9.57 4.49 -8.87
CA VAL A 474 10.49 4.18 -9.96
C VAL A 474 10.46 2.66 -10.15
N PHE A 475 10.04 2.21 -11.33
CA PHE A 475 9.78 0.80 -11.59
C PHE A 475 11.00 0.06 -12.15
N THR A 476 12.13 0.22 -11.44
CA THR A 476 13.34 -0.58 -11.67
C THR A 476 13.09 -2.03 -11.25
N PRO A 477 14.00 -2.96 -11.56
CA PRO A 477 13.75 -4.38 -11.22
C PRO A 477 13.40 -4.59 -9.75
N LEU A 478 14.02 -3.84 -8.85
CA LEU A 478 13.51 -3.66 -7.50
C LEU A 478 13.01 -2.22 -7.41
N GLU A 479 11.71 -2.07 -7.13
CA GLU A 479 11.02 -0.80 -7.23
C GLU A 479 11.35 0.11 -6.04
N TYR A 480 11.23 1.41 -6.26
CA TYR A 480 11.57 2.41 -5.26
C TYR A 480 10.43 3.42 -5.13
N GLY A 481 9.66 3.32 -4.06
CA GLY A 481 8.56 4.25 -3.80
C GLY A 481 8.96 5.37 -2.86
N ALA A 482 8.32 6.53 -3.02
CA ALA A 482 8.80 7.67 -2.25
C ALA A 482 7.69 8.71 -2.11
N CYS A 483 7.68 9.42 -0.98
CA CYS A 483 6.74 10.53 -0.76
C CYS A 483 7.36 11.58 0.17
N GLY A 484 7.63 12.76 -0.35
CA GLY A 484 8.12 13.87 0.44
C GLY A 484 9.58 14.15 0.20
N LEU A 485 10.20 14.78 1.20
CA LEU A 485 11.60 15.22 1.05
C LEU A 485 12.57 14.04 1.08
N SER A 486 13.59 14.10 0.23
CA SER A 486 14.76 13.24 0.44
C SER A 486 15.45 13.55 1.78
N GLU A 487 16.37 12.68 2.17
CA GLU A 487 17.05 12.90 3.45
C GLU A 487 17.98 14.12 3.38
N GLU A 488 18.83 14.19 2.35
CA GLU A 488 19.76 15.32 2.21
C GLU A 488 19.02 16.65 2.02
N ASP A 489 17.84 16.61 1.38
CA ASP A 489 17.05 17.84 1.26
C ASP A 489 16.56 18.31 2.61
N ALA A 490 16.16 17.38 3.48
CA ALA A 490 15.59 17.76 4.76
C ALA A 490 16.66 18.29 5.70
N ILE A 491 17.87 17.75 5.63
CA ILE A 491 18.97 18.27 6.43
C ILE A 491 19.36 19.68 5.96
N GLU A 492 19.39 19.90 4.65
CA GLU A 492 19.67 21.22 4.09
C GLU A 492 18.67 22.27 4.60
N LYS A 493 17.42 21.88 4.82
CA LYS A 493 16.38 22.83 5.14
C LYS A 493 16.22 23.09 6.64
N TYR A 494 16.45 22.10 7.48
CA TYR A 494 16.19 22.23 8.90
C TYR A 494 17.42 22.03 9.77
N GLY A 495 18.53 21.59 9.20
CA GLY A 495 19.71 21.33 9.99
C GLY A 495 19.78 19.90 10.47
N ASP A 496 20.99 19.38 10.54
CA ASP A 496 21.18 17.99 10.94
C ASP A 496 20.61 17.73 12.34
N LYS A 497 20.77 18.67 13.27
CA LYS A 497 20.35 18.43 14.65
C LYS A 497 18.83 18.29 14.81
N ASP A 498 18.04 18.78 13.84
CA ASP A 498 16.59 18.73 13.89
C ASP A 498 16.00 17.58 13.07
N ILE A 499 16.82 16.62 12.63
CA ILE A 499 16.36 15.56 11.75
C ILE A 499 16.66 14.20 12.41
N GLU A 500 15.62 13.38 12.57
CA GLU A 500 15.78 11.98 12.98
C GLU A 500 15.34 11.06 11.86
N VAL A 501 16.12 10.00 11.63
CA VAL A 501 15.86 9.03 10.57
C VAL A 501 15.73 7.65 11.20
N TYR A 502 14.54 7.05 11.09
CA TYR A 502 14.31 5.66 11.50
C TYR A 502 14.35 4.75 10.27
N HIS A 503 14.99 3.59 10.40
CA HIS A 503 15.20 2.78 9.20
C HIS A 503 15.38 1.31 9.58
N SER A 504 15.11 0.43 8.60
CA SER A 504 15.25 -1.02 8.77
C SER A 504 15.43 -1.68 7.40
N ASN A 505 16.25 -2.72 7.35
CA ASN A 505 16.15 -3.68 6.26
C ASN A 505 14.92 -4.57 6.44
N PHE A 506 14.56 -5.30 5.38
CA PHE A 506 13.51 -6.31 5.53
C PHE A 506 13.64 -7.34 4.42
N LYS A 507 12.89 -8.42 4.57
CA LYS A 507 12.88 -9.50 3.62
C LYS A 507 11.44 -9.97 3.37
N PRO A 508 10.97 -9.93 2.13
CA PRO A 508 9.63 -10.47 1.84
C PRO A 508 9.55 -11.93 2.25
N LEU A 509 8.41 -12.31 2.84
CA LEU A 509 8.19 -13.73 3.12
C LEU A 509 8.33 -14.56 1.84
N GLU A 510 7.81 -14.04 0.71
CA GLU A 510 7.91 -14.75 -0.55
C GLU A 510 9.35 -15.05 -0.98
N TRP A 511 10.34 -14.33 -0.44
CA TRP A 511 11.73 -14.54 -0.81
C TRP A 511 12.42 -15.65 -0.01
N THR A 512 11.79 -16.13 1.08
CA THR A 512 12.46 -17.11 1.94
C THR A 512 12.60 -18.44 1.20
N VAL A 513 11.49 -19.13 0.93
CA VAL A 513 11.57 -20.42 0.25
C VAL A 513 12.29 -20.31 -1.10
N ALA A 514 12.27 -19.11 -1.72
CA ALA A 514 12.88 -18.86 -3.02
C ALA A 514 14.37 -18.52 -2.95
N HIS A 515 14.96 -18.45 -1.75
CA HIS A 515 16.39 -18.16 -1.55
C HIS A 515 16.89 -16.86 -2.21
N ARG A 516 16.09 -15.80 -2.14
C ARG A 516 17.43 -13.62 -1.50
N GLU A 517 17.67 -12.34 -1.46
CA GLU A 517 18.70 -11.78 -0.61
C GLU A 517 18.10 -11.40 0.75
N ASP A 518 18.93 -11.51 1.80
CA ASP A 518 18.43 -11.27 3.16
C ASP A 518 18.25 -9.79 3.46
N ASN A 519 19.20 -8.93 3.07
CA ASN A 519 19.17 -7.56 3.53
C ASN A 519 19.32 -6.55 2.37
N VAL A 520 18.62 -6.78 1.27
CA VAL A 520 18.65 -5.80 0.18
C VAL A 520 17.47 -4.83 0.28
N CYS A 521 16.27 -5.29 0.63
CA CYS A 521 15.12 -4.40 0.77
C CYS A 521 15.33 -3.47 1.99
N TYR A 522 14.79 -2.25 1.90
CA TYR A 522 15.13 -1.18 2.82
C TYR A 522 14.03 -0.13 2.86
N MET A 523 13.80 0.46 4.04
CA MET A 523 12.88 1.59 4.14
C MET A 523 13.29 2.51 5.28
N LYS A 524 12.92 3.78 5.17
CA LYS A 524 13.24 4.75 6.21
C LYS A 524 12.18 5.84 6.25
N LEU A 525 12.06 6.49 7.42
CA LEU A 525 11.21 7.67 7.61
C LEU A 525 12.10 8.81 8.06
N VAL A 526 12.07 9.92 7.32
CA VAL A 526 12.84 11.11 7.65
C VAL A 526 11.92 12.06 8.41
N CYS A 527 12.25 12.35 9.67
CA CYS A 527 11.35 13.05 10.58
C CYS A 527 11.97 14.34 11.09
N ARG A 528 11.12 15.21 11.66
CA ARG A 528 11.55 16.50 12.20
C ARG A 528 11.34 16.58 13.72
N LYS A 529 12.44 16.67 14.46
CA LYS A 529 12.39 16.56 15.92
C LYS A 529 11.52 17.66 16.55
N SER A 530 11.71 18.91 16.14
CA SER A 530 11.01 20.02 16.80
C SER A 530 9.56 20.19 16.36
N ASP A 531 9.01 19.28 15.55
CA ASP A 531 7.62 19.35 15.10
C ASP A 531 6.93 18.02 15.37
N ASN A 532 6.96 17.61 16.64
CA ASN A 532 6.33 16.36 17.08
C ASN A 532 6.80 15.15 16.28
N MET A 533 8.03 15.21 15.75
CA MET A 533 8.59 14.11 14.96
C MET A 533 7.79 13.89 13.68
N ARG A 534 7.43 15.01 13.02
CA ARG A 534 6.63 14.98 11.79
C ARG A 534 7.38 14.27 10.67
N VAL A 535 6.67 13.40 9.96
CA VAL A 535 7.24 12.64 8.84
C VAL A 535 7.36 13.58 7.65
N LEU A 536 8.62 13.87 7.24
CA LEU A 536 8.92 14.74 6.11
C LEU A 536 9.15 13.98 4.81
N GLY A 537 9.64 12.75 4.91
CA GLY A 537 9.78 11.90 3.74
C GLY A 537 9.70 10.43 4.06
N LEU A 538 8.99 9.66 3.22
CA LEU A 538 8.94 8.20 3.30
C LEU A 538 9.61 7.59 2.08
N HIS A 539 10.46 6.59 2.31
CA HIS A 539 11.21 5.92 1.23
C HIS A 539 11.18 4.40 1.45
N VAL A 540 10.89 3.64 0.39
CA VAL A 540 10.96 2.18 0.47
C VAL A 540 11.50 1.63 -0.84
N LEU A 541 12.46 0.70 -0.75
CA LEU A 541 12.95 -0.11 -1.87
C LEU A 541 12.50 -1.56 -1.62
N GLY A 542 11.75 -2.13 -2.56
CA GLY A 542 11.24 -3.48 -2.42
C GLY A 542 10.15 -3.80 -3.42
N PRO A 543 9.57 -4.99 -3.34
CA PRO A 543 8.56 -5.36 -4.33
C PRO A 543 7.21 -4.69 -4.07
N ASN A 544 6.50 -4.39 -5.17
CA ASN A 544 5.20 -3.73 -5.11
C ASN A 544 5.27 -2.38 -4.37
N ALA A 545 6.35 -1.63 -4.61
CA ALA A 545 6.60 -0.42 -3.82
C ALA A 545 5.55 0.66 -4.07
N GLY A 546 4.95 0.70 -5.27
CA GLY A 546 3.87 1.62 -5.50
C GLY A 546 2.64 1.30 -4.67
N GLU A 547 2.23 0.03 -4.67
CA GLU A 547 1.12 -0.37 -3.82
C GLU A 547 1.40 -0.04 -2.35
N ILE A 548 2.66 -0.20 -1.94
CA ILE A 548 3.07 0.09 -0.56
C ILE A 548 2.94 1.56 -0.25
N THR A 549 3.52 2.41 -1.11
CA THR A 549 3.68 3.83 -0.79
C THR A 549 2.36 4.59 -0.80
N GLN A 550 1.42 4.18 -1.66
CA GLN A 550 0.32 5.06 -2.05
C GLN A 550 -0.52 5.50 -0.86
N GLY A 551 -1.07 4.53 -0.12
CA GLY A 551 -1.92 4.86 1.01
C GLY A 551 -1.26 5.78 2.03
N TYR A 552 0.05 5.59 2.27
CA TYR A 552 0.75 6.48 3.21
C TYR A 552 0.75 7.94 2.73
N ALA A 553 0.59 8.20 1.41
CA ALA A 553 0.54 9.56 0.90
C ALA A 553 -0.65 10.34 1.47
N VAL A 554 -1.74 9.65 1.83
CA VAL A 554 -2.87 10.30 2.48
C VAL A 554 -2.50 10.76 3.88
N ALA A 555 -1.83 9.88 4.64
CA ALA A 555 -1.47 10.23 6.01
C ALA A 555 -0.44 11.35 6.05
N ILE A 556 0.49 11.37 5.08
CA ILE A 556 1.47 12.46 5.02
C ILE A 556 0.77 13.77 4.67
N LYS A 557 -0.20 13.71 3.76
CA LYS A 557 -0.94 14.90 3.41
C LYS A 557 -1.67 15.46 4.62
N MET A 558 -2.13 14.58 5.53
CA MET A 558 -2.78 14.99 6.77
C MET A 558 -1.80 15.41 7.85
N GLY A 559 -0.50 15.44 7.58
CA GLY A 559 0.49 15.79 8.59
C GLY A 559 0.89 14.69 9.56
N ALA A 560 1.09 13.48 9.07
CA ALA A 560 1.34 12.36 9.98
C ALA A 560 2.68 12.51 10.71
N THR A 561 2.73 12.08 11.98
CA THR A 561 3.95 12.04 12.80
C THR A 561 4.39 10.61 13.02
N LYS A 562 5.54 10.46 13.68
CA LYS A 562 6.03 9.13 14.02
C LYS A 562 5.07 8.40 14.94
N ALA A 563 4.42 9.14 15.84
CA ALA A 563 3.51 8.53 16.80
C ALA A 563 2.27 7.97 16.11
N ASP A 564 1.80 8.65 15.05
CA ASP A 564 0.70 8.13 14.25
C ASP A 564 1.07 6.80 13.61
N PHE A 565 2.34 6.66 13.17
CA PHE A 565 2.80 5.39 12.64
C PHE A 565 2.91 4.33 13.72
N ASP A 566 3.45 4.69 14.89
CA ASP A 566 3.61 3.69 15.95
C ASP A 566 2.27 3.14 16.41
N ARG A 567 1.28 4.03 16.58
CA ARG A 567 0.02 3.60 17.19
C ARG A 567 -0.86 2.77 16.26
N THR A 568 -0.58 2.77 14.95
CA THR A 568 -1.30 1.93 13.98
C THR A 568 -0.70 0.52 13.92
N ILE A 569 -1.56 -0.49 13.87
CA ILE A 569 -1.15 -1.89 13.93
C ILE A 569 -0.88 -2.38 12.51
N GLY A 570 0.05 -3.32 12.38
CA GLY A 570 0.38 -3.84 11.08
C GLY A 570 -0.57 -4.94 10.61
N ILE A 571 -0.51 -5.18 9.29
CA ILE A 571 -1.12 -6.32 8.62
C ILE A 571 -0.04 -7.37 8.35
N HIS A 572 -0.26 -8.59 8.84
CA HIS A 572 0.79 -9.61 8.77
C HIS A 572 0.30 -10.85 8.04
N PRO A 573 1.12 -11.44 7.16
CA PRO A 573 2.48 -10.99 6.73
C PRO A 573 2.49 -10.13 5.46
N THR A 574 3.12 -8.95 5.55
CA THR A 574 3.29 -8.02 4.43
C THR A 574 4.67 -7.39 4.54
N CYS A 575 5.10 -6.76 3.44
CA CYS A 575 6.27 -5.89 3.50
C CYS A 575 5.93 -4.58 4.18
N SER A 576 4.79 -3.98 3.79
CA SER A 576 4.43 -2.65 4.25
C SER A 576 4.32 -2.54 5.78
N GLU A 577 4.00 -3.64 6.48
CA GLU A 577 3.81 -3.58 7.93
C GLU A 577 5.09 -3.22 8.68
N THR A 578 6.26 -3.36 8.06
CA THR A 578 7.49 -2.95 8.70
C THR A 578 7.51 -1.45 9.00
N PHE A 579 6.73 -0.63 8.29
CA PHE A 579 6.66 0.78 8.63
C PHE A 579 6.01 1.03 9.99
N THR A 580 5.18 0.11 10.49
CA THR A 580 4.42 0.39 11.69
C THR A 580 5.21 0.13 12.99
N THR A 581 6.41 -0.47 12.91
CA THR A 581 7.20 -0.83 14.10
C THR A 581 8.66 -0.38 14.02
N LEU A 582 8.99 0.65 13.22
CA LEU A 582 10.38 1.07 13.09
C LEU A 582 10.93 1.69 14.37
N HIS A 583 12.19 1.39 14.68
CA HIS A 583 12.77 1.89 15.93
C HIS A 583 14.27 2.21 15.93
N VAL A 584 15.05 1.70 14.98
CA VAL A 584 16.47 2.01 14.95
C VAL A 584 16.68 3.38 14.30
N THR A 585 17.45 4.24 14.96
CA THR A 585 17.76 5.55 14.39
C THR A 585 19.12 5.51 13.71
N LYS A 586 19.38 6.50 12.85
CA LYS A 586 20.70 6.58 12.24
C LYS A 586 21.71 7.17 13.20
N LYS A 587 21.27 8.06 14.09
CA LYS A 587 22.22 8.60 15.07
C LYS A 587 22.63 7.55 16.09
N SER A 588 21.84 6.50 16.29
CA SER A 588 22.24 5.51 17.27
C SER A 588 23.42 4.70 16.80
N GLY A 589 23.71 4.70 15.50
CA GLY A 589 24.73 3.82 14.96
C GLY A 589 24.38 2.35 14.95
N VAL A 590 23.20 1.96 15.42
CA VAL A 590 22.82 0.54 15.43
C VAL A 590 22.59 0.05 14.00
N SER A 591 22.94 -1.21 13.75
CA SER A 591 22.81 -1.77 12.40
C SER A 591 21.34 -2.00 12.05
N PRO A 592 20.93 -1.71 10.81
CA PRO A 592 19.54 -1.88 10.39
C PRO A 592 19.19 -3.23 9.79
N ILE A 593 20.09 -4.22 9.82
CA ILE A 593 19.75 -5.52 9.25
C ILE A 593 18.90 -6.32 10.22
N VAL A 594 18.23 -7.35 9.70
CA VAL A 594 17.49 -8.30 10.54
C VAL A 594 18.05 -9.71 10.35
N GLY B 7 -2.12 12.77 40.91
CA GLY B 7 -0.82 13.42 40.99
C GLY B 7 0.29 12.66 40.26
N THR B 8 1.44 13.31 40.16
CA THR B 8 2.65 12.65 39.68
C THR B 8 3.14 11.61 40.68
N SER B 9 2.81 11.80 41.96
CA SER B 9 3.38 10.97 43.01
C SER B 9 2.99 9.51 42.86
N GLN B 10 1.78 9.20 42.38
CA GLN B 10 1.43 7.79 42.24
C GLN B 10 1.84 7.19 40.91
N TRP B 11 2.22 8.01 39.92
CA TRP B 11 3.01 7.45 38.82
C TRP B 11 4.36 6.97 39.33
N LEU B 12 5.16 7.91 39.86
CA LEU B 12 6.51 7.64 40.37
C LEU B 12 6.56 6.41 41.26
N ARG B 13 5.52 6.22 42.04
CA ARG B 13 5.52 5.20 43.06
C ARG B 13 5.03 3.85 42.54
N LYS B 14 4.29 3.84 41.43
CA LYS B 14 4.06 2.59 40.71
C LYS B 14 5.28 2.15 39.94
N THR B 15 5.99 3.12 39.34
CA THR B 15 7.20 2.83 38.58
C THR B 15 8.27 2.19 39.47
N VAL B 16 8.60 2.87 40.58
CA VAL B 16 9.61 2.37 41.51
C VAL B 16 9.20 1.01 42.06
N ASP B 17 7.91 0.85 42.36
CA ASP B 17 7.44 -0.39 42.97
C ASP B 17 7.62 -1.58 42.02
N SER B 18 7.40 -1.37 40.73
CA SER B 18 7.35 -2.48 39.77
C SER B 18 8.65 -2.74 39.05
N ALA B 19 9.43 -1.69 38.79
CA ALA B 19 10.68 -1.84 38.02
C ALA B 19 11.64 -2.79 38.73
N ALA B 20 12.52 -3.41 37.94
CA ALA B 20 13.56 -4.28 38.48
C ALA B 20 14.80 -3.47 38.82
N VAL B 21 15.41 -2.83 37.82
CA VAL B 21 16.55 -1.95 38.00
C VAL B 21 16.28 -0.68 37.21
N ILE B 22 16.31 0.48 37.89
CA ILE B 22 15.94 1.73 37.24
C ILE B 22 16.79 2.86 37.76
N LEU B 23 17.17 3.77 36.87
CA LEU B 23 18.05 4.89 37.17
C LEU B 23 17.32 6.18 36.79
N PHE B 24 17.12 7.06 37.77
CA PHE B 24 16.61 8.40 37.50
C PHE B 24 17.79 9.33 37.26
N SER B 25 17.79 10.00 36.11
CA SER B 25 19.02 10.58 35.59
C SER B 25 18.73 11.84 34.78
N LYS B 26 19.80 12.45 34.28
CA LYS B 26 19.76 13.59 33.37
C LYS B 26 20.85 13.43 32.33
N THR B 27 20.66 14.12 31.19
CA THR B 27 21.52 13.90 30.03
C THR B 27 22.79 14.75 30.06
N THR B 28 22.73 15.93 30.67
CA THR B 28 23.89 16.80 30.78
C THR B 28 24.78 16.47 31.98
N CYS B 29 24.28 15.68 32.92
CA CYS B 29 25.02 15.37 34.14
C CYS B 29 26.09 14.33 33.87
N PRO B 30 27.38 14.63 34.09
CA PRO B 30 28.42 13.59 33.95
C PRO B 30 28.56 12.72 35.18
N TYR B 31 27.92 13.08 36.30
CA TYR B 31 27.84 12.16 37.41
C TYR B 31 26.97 10.95 37.04
N CYS B 32 25.84 11.21 36.38
CA CYS B 32 25.00 10.12 35.89
C CYS B 32 25.72 9.31 34.83
N LYS B 33 26.41 9.98 33.90
CA LYS B 33 27.08 9.31 32.81
C LYS B 33 28.14 8.32 33.30
N LYS B 34 28.72 8.56 34.48
CA LYS B 34 29.69 7.60 34.99
C LYS B 34 29.01 6.42 35.67
N VAL B 35 27.82 6.63 36.25
CA VAL B 35 27.09 5.51 36.82
C VAL B 35 26.61 4.57 35.72
N LYS B 36 26.21 5.13 34.58
CA LYS B 36 25.81 4.31 33.45
C LYS B 36 26.95 3.41 32.98
N ASP B 37 28.10 4.01 32.67
CA ASP B 37 29.23 3.27 32.12
C ASP B 37 29.67 2.16 33.07
N VAL B 38 29.64 2.44 34.38
CA VAL B 38 29.85 1.40 35.37
C VAL B 38 28.90 0.25 35.15
N LEU B 39 27.60 0.56 34.99
CA LEU B 39 26.59 -0.48 34.87
C LEU B 39 26.69 -1.24 33.55
N ALA B 40 27.09 -0.57 32.47
CA ALA B 40 27.27 -1.26 31.20
C ALA B 40 28.36 -2.33 31.32
N GLU B 41 29.58 -1.91 31.66
CA GLU B 41 30.69 -2.84 31.78
C GLU B 41 30.42 -3.92 32.81
N ALA B 42 29.58 -3.63 33.80
CA ALA B 42 29.20 -4.61 34.83
C ALA B 42 28.14 -5.59 34.34
N LYS B 43 27.74 -5.50 33.07
CA LYS B 43 26.77 -6.41 32.46
C LYS B 43 25.41 -6.31 33.15
N ILE B 44 25.03 -5.09 33.54
CA ILE B 44 23.80 -4.81 34.27
C ILE B 44 22.86 -4.03 33.36
N LYS B 45 21.69 -4.61 33.09
CA LYS B 45 20.68 -3.92 32.31
C LYS B 45 19.72 -3.19 33.26
N HIS B 46 19.13 -2.11 32.76
CA HIS B 46 18.26 -1.25 33.55
C HIS B 46 17.49 -0.31 32.63
N ALA B 47 16.43 0.27 33.16
CA ALA B 47 15.73 1.36 32.50
C ALA B 47 16.28 2.71 32.96
N THR B 48 15.88 3.78 32.29
CA THR B 48 16.43 5.10 32.57
C THR B 48 15.42 6.17 32.23
N ILE B 49 14.85 6.80 33.24
CA ILE B 49 14.01 7.98 33.06
C ILE B 49 14.92 9.21 33.09
N GLU B 50 15.18 9.81 31.92
CA GLU B 50 15.92 11.07 31.84
C GLU B 50 14.99 12.22 32.22
N LEU B 51 15.22 12.82 33.39
CA LEU B 51 14.25 13.77 33.94
C LEU B 51 14.26 15.12 33.23
N ASP B 52 15.36 15.47 32.55
CA ASP B 52 15.43 16.74 31.83
C ASP B 52 14.70 16.73 30.50
N GLN B 53 14.19 15.57 30.07
CA GLN B 53 13.39 15.46 28.85
C GLN B 53 11.93 15.13 29.14
N LEU B 54 11.50 15.23 30.40
CA LEU B 54 10.11 15.08 30.76
C LEU B 54 9.58 16.45 31.15
N SER B 55 8.33 16.74 30.77
CA SER B 55 7.78 18.06 31.02
C SER B 55 7.83 18.40 32.50
N ASN B 56 7.45 17.46 33.37
CA ASN B 56 7.41 17.75 34.79
C ASN B 56 8.49 16.99 35.55
N GLY B 57 9.71 17.01 35.03
CA GLY B 57 10.83 16.42 35.76
C GLY B 57 11.09 17.07 37.11
N SER B 58 10.74 18.35 37.26
CA SER B 58 10.95 19.04 38.54
C SER B 58 10.17 18.39 39.67
N ALA B 59 8.88 18.13 39.44
CA ALA B 59 8.05 17.54 40.49
C ALA B 59 8.54 16.15 40.86
N ILE B 60 9.04 15.40 39.87
CA ILE B 60 9.50 14.03 40.11
C ILE B 60 10.73 14.03 41.01
N GLN B 61 11.65 14.98 40.79
CA GLN B 61 12.82 15.08 41.66
C GLN B 61 12.42 15.25 43.12
N LYS B 62 11.41 16.07 43.38
CA LYS B 62 10.93 16.22 44.75
C LYS B 62 10.35 14.91 45.27
N CYS B 63 9.51 14.24 44.46
CA CYS B 63 8.87 13.01 44.91
C CYS B 63 9.87 11.88 45.14
N LEU B 64 11.03 11.90 44.47
CA LEU B 64 12.05 10.89 44.75
C LEU B 64 12.48 10.93 46.20
N ALA B 65 12.43 12.12 46.81
CA ALA B 65 12.88 12.30 48.19
C ALA B 65 11.99 11.56 49.19
N SER B 66 10.73 11.31 48.84
CA SER B 66 9.87 10.46 49.66
C SER B 66 10.47 9.08 49.89
N PHE B 67 11.35 8.62 49.00
CA PHE B 67 11.97 7.31 49.09
C PHE B 67 13.41 7.40 49.58
N SER B 68 14.17 8.39 49.09
CA SER B 68 15.62 8.46 49.23
C SER B 68 16.09 9.59 50.13
N LYS B 69 15.20 10.48 50.54
CA LYS B 69 15.51 11.65 51.36
C LYS B 69 16.54 12.58 50.71
N ILE B 70 16.71 12.48 49.38
CA ILE B 70 17.52 13.40 48.61
C ILE B 70 16.75 13.82 47.36
N GLU B 71 17.30 14.81 46.64
CA GLU B 71 16.59 15.46 45.55
C GLU B 71 17.45 15.65 44.30
N THR B 72 18.65 15.08 44.26
CA THR B 72 19.55 15.26 43.13
C THR B 72 19.52 14.01 42.24
N VAL B 73 20.25 14.09 41.13
CA VAL B 73 20.47 12.94 40.25
C VAL B 73 21.95 12.62 40.23
N PRO B 74 22.34 11.36 39.99
CA PRO B 74 21.51 10.19 39.71
C PRO B 74 20.97 9.45 40.96
N GLN B 75 19.89 8.69 40.82
CA GLN B 75 19.38 7.83 41.88
C GLN B 75 19.01 6.48 41.29
N MET B 76 19.50 5.40 41.92
CA MET B 76 19.33 4.04 41.43
C MET B 76 18.45 3.25 42.41
N PHE B 77 17.43 2.58 41.87
CA PHE B 77 16.55 1.71 42.64
C PHE B 77 16.63 0.29 42.11
N VAL B 78 16.47 -0.68 43.01
CA VAL B 78 16.40 -2.09 42.64
C VAL B 78 15.17 -2.67 43.29
N ARG B 79 14.25 -3.19 42.47
CA ARG B 79 13.03 -3.88 42.92
C ARG B 79 12.35 -3.14 44.07
N GLY B 80 12.19 -1.83 43.89
CA GLY B 80 11.42 -1.01 44.81
C GLY B 80 12.21 -0.36 45.93
N LYS B 81 13.51 -0.64 46.06
CA LYS B 81 14.33 -0.14 47.15
C LYS B 81 15.39 0.80 46.61
N PHE B 82 15.58 1.94 47.30
CA PHE B 82 16.61 2.88 46.91
C PHE B 82 17.98 2.29 47.24
N ILE B 83 18.89 2.32 46.26
CA ILE B 83 20.21 1.70 46.39
C ILE B 83 21.27 2.71 46.79
N GLY B 84 21.31 3.87 46.13
CA GLY B 84 22.25 4.90 46.52
C GLY B 84 22.36 5.97 45.45
N ASP B 85 23.22 6.94 45.74
CA ASP B 85 23.59 7.95 44.75
C ASP B 85 24.94 7.57 44.15
N SER B 86 25.57 8.53 43.46
CA SER B 86 26.72 8.20 42.62
C SER B 86 27.89 7.65 43.43
N GLN B 87 28.12 8.20 44.62
CA GLN B 87 29.21 7.70 45.45
C GLN B 87 28.91 6.31 45.98
N THR B 88 27.65 6.05 46.37
CA THR B 88 27.29 4.79 47.02
C THR B 88 27.32 3.63 46.03
N VAL B 89 27.11 3.91 44.75
CA VAL B 89 27.15 2.85 43.75
C VAL B 89 28.59 2.41 43.50
N LEU B 90 29.53 3.35 43.52
CA LEU B 90 30.93 2.99 43.37
C LEU B 90 31.53 2.42 44.65
N LYS B 91 30.98 2.75 45.82
CA LYS B 91 31.34 2.07 47.05
C LYS B 91 30.89 0.61 47.04
N TYR B 92 29.76 0.31 46.39
CA TYR B 92 29.33 -1.07 46.21
C TYR B 92 30.13 -1.76 45.10
N TYR B 93 30.42 -1.04 44.02
CA TYR B 93 31.12 -1.60 42.87
C TYR B 93 32.52 -2.08 43.23
N SER B 94 33.37 -1.15 43.69
CA SER B 94 34.76 -1.48 43.97
C SER B 94 34.92 -2.47 45.10
N ASN B 95 33.95 -2.53 46.03
CA ASN B 95 33.90 -3.54 47.07
C ASN B 95 33.34 -4.88 46.59
N ASP B 96 32.95 -4.97 45.31
CA ASP B 96 32.28 -6.15 44.73
C ASP B 96 31.11 -6.62 45.61
N GLU B 97 30.20 -5.68 45.87
CA GLU B 97 28.94 -5.96 46.52
C GLU B 97 27.76 -5.71 45.60
N LEU B 98 28.02 -5.41 44.32
CA LEU B 98 26.98 -4.91 43.44
C LEU B 98 26.12 -6.01 42.83
N ALA B 99 26.72 -7.15 42.49
CA ALA B 99 25.94 -8.25 41.94
C ALA B 99 25.00 -8.83 42.99
N GLY B 100 25.44 -8.90 44.25
CA GLY B 100 24.59 -9.41 45.31
C GLY B 100 23.41 -8.52 45.62
N ILE B 101 23.45 -7.26 45.18
CA ILE B 101 22.40 -6.30 45.44
C ILE B 101 21.43 -6.21 44.26
N VAL B 102 21.96 -6.19 43.04
CA VAL B 102 21.12 -6.16 41.84
C VAL B 102 20.36 -7.47 41.63
N ASN B 103 20.84 -8.58 42.19
CA ASN B 103 20.15 -9.86 42.05
C ASN B 103 19.29 -10.19 43.26
N GLU B 104 19.13 -9.27 44.19
CA GLU B 104 18.30 -9.55 45.35
C GLU B 104 16.82 -9.44 44.99
N SER B 105 16.06 -10.50 45.23
CA SER B 105 14.65 -10.55 44.88
C SER B 105 13.90 -11.54 45.75
N LYS B 106 12.65 -11.20 46.09
CA LYS B 106 11.79 -12.10 46.86
C LYS B 106 11.33 -13.31 46.04
N TYR B 107 11.35 -13.24 44.70
CA TYR B 107 10.91 -14.31 43.84
C TYR B 107 12.03 -14.79 42.91
N ASP B 108 11.84 -15.97 42.32
CA ASP B 108 12.80 -16.49 41.34
C ASP B 108 12.94 -15.56 40.13
N TYR B 109 11.84 -14.96 39.68
CA TYR B 109 11.83 -14.16 38.47
C TYR B 109 11.02 -12.89 38.69
N ASP B 110 11.41 -11.82 38.00
CA ASP B 110 10.53 -10.67 37.93
C ASP B 110 9.29 -10.96 37.10
N LEU B 111 9.40 -11.87 36.13
CA LEU B 111 8.37 -12.11 35.13
C LEU B 111 8.39 -13.56 34.68
N ILE B 112 7.23 -14.19 34.70
CA ILE B 112 7.05 -15.52 34.13
C ILE B 112 5.97 -15.42 33.06
N VAL B 113 6.36 -15.65 31.80
CA VAL B 113 5.41 -15.75 30.69
C VAL B 113 5.05 -17.21 30.49
N ILE B 114 3.75 -17.52 30.62
CA ILE B 114 3.24 -18.84 30.23
C ILE B 114 2.77 -18.72 28.78
N GLY B 115 3.61 -19.19 27.84
CA GLY B 115 3.28 -19.22 26.41
C GLY B 115 4.36 -18.67 25.48
N GLY B 116 4.92 -19.49 24.61
CA GLY B 116 5.98 -19.02 23.74
C GLY B 116 5.57 -18.70 22.30
N GLY B 117 4.46 -17.98 22.13
CA GLY B 117 3.94 -17.59 20.82
C GLY B 117 4.20 -16.13 20.48
N SER B 118 3.35 -15.58 19.61
CA SER B 118 3.53 -14.21 19.13
C SER B 118 3.73 -13.22 20.27
N GLY B 119 2.75 -13.15 21.17
CA GLY B 119 2.81 -12.22 22.29
C GLY B 119 3.77 -12.60 23.39
N GLY B 120 3.75 -13.87 23.79
CA GLY B 120 4.65 -14.34 24.83
C GLY B 120 6.10 -13.95 24.59
N LEU B 121 6.67 -14.39 23.45
CA LEU B 121 8.06 -14.06 23.14
C LEU B 121 8.27 -12.56 23.03
N ALA B 122 7.28 -11.82 22.56
CA ALA B 122 7.46 -10.37 22.37
C ALA B 122 7.56 -9.65 23.71
N ALA B 123 6.71 -10.03 24.68
CA ALA B 123 6.78 -9.44 26.00
C ALA B 123 8.05 -9.87 26.73
N GLY B 124 8.40 -11.16 26.65
CA GLY B 124 9.59 -11.65 27.34
C GLY B 124 10.85 -10.89 26.94
N LYS B 125 11.05 -10.71 25.63
CA LYS B 125 12.27 -10.03 25.14
C LYS B 125 12.31 -8.58 25.57
N GLU B 126 11.18 -7.88 25.50
CA GLU B 126 11.18 -6.48 25.87
C GLU B 126 11.41 -6.30 27.38
N ALA B 127 10.79 -7.13 28.21
CA ALA B 127 11.04 -7.09 29.65
C ALA B 127 12.52 -7.27 29.99
N ALA B 128 13.17 -8.24 29.33
CA ALA B 128 14.57 -8.53 29.60
C ALA B 128 15.48 -7.36 29.21
N LYS B 129 15.12 -6.59 28.20
CA LYS B 129 15.91 -5.43 27.83
C LYS B 129 16.12 -4.52 29.05
N TYR B 130 15.06 -4.30 29.86
CA TYR B 130 15.13 -3.36 30.96
C TYR B 130 15.55 -3.98 32.30
N GLY B 131 16.25 -5.12 32.29
CA GLY B 131 16.82 -5.65 33.50
C GLY B 131 15.96 -6.64 34.27
N ALA B 132 14.79 -6.99 33.75
CA ALA B 132 13.88 -7.88 34.46
C ALA B 132 14.31 -9.33 34.27
N LYS B 133 14.37 -10.09 35.36
CA LYS B 133 14.72 -11.50 35.28
C LYS B 133 13.53 -12.29 34.78
N THR B 134 13.65 -12.87 33.58
CA THR B 134 12.50 -13.32 32.81
C THR B 134 12.62 -14.78 32.44
N ALA B 135 11.55 -15.54 32.66
CA ALA B 135 11.43 -16.89 32.13
C ALA B 135 10.28 -16.96 31.12
N VAL B 136 10.46 -17.75 30.08
CA VAL B 136 9.41 -17.98 29.09
C VAL B 136 9.18 -19.49 28.97
N LEU B 137 7.95 -19.92 29.21
CA LEU B 137 7.55 -21.33 29.14
C LEU B 137 6.78 -21.59 27.84
N ASP B 138 7.11 -22.68 27.15
CA ASP B 138 6.33 -23.09 26.00
C ASP B 138 6.27 -24.61 25.93
N TYR B 139 5.12 -25.13 25.55
CA TYR B 139 4.91 -26.56 25.35
C TYR B 139 3.81 -26.74 24.30
N VAL B 140 4.04 -27.65 23.35
CA VAL B 140 3.08 -27.90 22.28
C VAL B 140 2.46 -29.27 22.52
N GLU B 141 1.25 -29.26 23.09
CA GLU B 141 0.44 -30.46 23.17
C GLU B 141 0.20 -31.02 21.77
N PRO B 142 0.41 -32.31 21.54
CA PRO B 142 0.23 -32.86 20.19
C PRO B 142 -1.24 -32.91 19.78
N THR B 143 -1.45 -32.94 18.46
CA THR B 143 -2.76 -33.14 17.88
C THR B 143 -3.16 -34.61 18.02
N PRO B 144 -4.46 -34.93 17.86
CA PRO B 144 -4.89 -36.33 18.01
C PRO B 144 -4.06 -37.35 17.25
N ILE B 145 -3.66 -37.07 16.00
CA ILE B 145 -2.79 -37.99 15.27
C ILE B 145 -1.31 -37.85 15.65
N GLY B 146 -0.98 -36.95 16.58
CA GLY B 146 0.36 -36.85 17.10
C GLY B 146 1.25 -35.70 16.63
N THR B 147 0.77 -34.84 15.71
CA THR B 147 1.62 -33.79 15.17
C THR B 147 2.10 -32.83 16.26
N THR B 148 3.34 -32.36 16.13
CA THR B 148 3.97 -31.48 17.12
C THR B 148 4.94 -30.56 16.38
N TRP B 149 5.39 -29.49 17.05
CA TRP B 149 6.29 -28.51 16.41
C TRP B 149 7.03 -27.72 17.49
N GLY B 150 7.88 -26.78 17.05
CA GLY B 150 8.83 -26.09 17.92
C GLY B 150 8.34 -24.74 18.42
N LEU B 151 9.30 -23.93 18.87
CA LEU B 151 9.01 -22.67 19.55
C LEU B 151 8.60 -21.57 18.57
N GLY B 152 7.60 -20.76 18.98
CA GLY B 152 7.18 -19.63 18.17
C GLY B 152 5.68 -19.38 18.11
N GLY B 153 4.88 -20.37 18.52
CA GLY B 153 3.43 -20.21 18.55
C GLY B 153 2.73 -20.63 17.28
N THR B 154 1.47 -20.19 17.18
CA THR B 154 0.57 -20.73 16.15
C THR B 154 0.85 -20.12 14.78
N CYS B 155 1.07 -18.80 14.73
CA CYS B 155 1.42 -18.11 13.48
C CYS B 155 2.68 -18.69 12.85
N VAL B 156 3.77 -18.78 13.62
CA VAL B 156 5.06 -19.23 13.12
C VAL B 156 4.99 -20.67 12.59
N ASN B 157 4.26 -21.55 13.28
CA ASN B 157 4.35 -22.98 12.97
C ASN B 157 3.18 -23.50 12.15
N VAL B 158 1.95 -23.08 12.46
CA VAL B 158 0.76 -23.68 11.85
C VAL B 158 -0.28 -22.60 11.56
N GLY B 159 0.18 -21.41 11.18
CA GLY B 159 -0.68 -20.26 10.97
C GLY B 159 -0.24 -19.36 9.84
N CYS B 160 -0.03 -18.05 10.15
CA CYS B 160 0.19 -17.04 9.11
C CYS B 160 1.36 -17.41 8.19
N ILE B 161 2.46 -17.89 8.77
CA ILE B 161 3.69 -18.06 8.00
C ILE B 161 3.52 -19.23 7.03
N PRO B 162 3.26 -20.47 7.47
CA PRO B 162 3.11 -21.54 6.46
C PRO B 162 1.91 -21.34 5.53
N LYS B 163 0.81 -20.72 5.98
CA LYS B 163 -0.32 -20.54 5.07
C LYS B 163 -0.01 -19.55 3.95
N LYS B 164 0.66 -18.41 4.26
CA LYS B 164 0.95 -17.46 3.19
C LYS B 164 1.99 -18.00 2.23
N LEU B 165 2.90 -18.85 2.71
CA LEU B 165 3.87 -19.46 1.81
C LEU B 165 3.19 -20.42 0.85
N MET B 166 2.17 -21.16 1.30
CA MET B 166 1.44 -22.02 0.37
C MET B 166 0.51 -21.20 -0.51
N HIS B 167 -0.01 -20.09 0.01
CA HIS B 167 -0.74 -19.13 -0.81
C HIS B 167 0.14 -18.63 -1.96
N GLN B 168 1.39 -18.27 -1.66
CA GLN B 168 2.31 -17.84 -2.71
C GLN B 168 2.56 -18.94 -3.74
N ALA B 169 2.69 -20.18 -3.29
CA ALA B 169 2.87 -21.27 -4.24
C ALA B 169 1.67 -21.39 -5.18
N GLY B 170 0.47 -21.16 -4.65
CA GLY B 170 -0.72 -21.16 -5.50
C GLY B 170 -0.76 -19.99 -6.47
N LEU B 171 -0.31 -18.82 -6.03
CA LEU B 171 -0.31 -17.66 -6.93
C LEU B 171 0.59 -17.90 -8.13
N LEU B 172 1.69 -18.62 -7.93
CA LEU B 172 2.65 -18.80 -9.00
C LEU B 172 2.13 -19.65 -10.15
N SER B 173 1.02 -20.38 -10.01
CA SER B 173 0.48 -21.06 -11.19
C SER B 173 -0.11 -20.06 -12.16
N HIS B 174 -0.75 -19.00 -11.67
CA HIS B 174 -1.20 -17.93 -12.55
C HIS B 174 -0.02 -17.15 -13.12
N ALA B 175 1.08 -17.06 -12.38
CA ALA B 175 2.31 -16.49 -12.93
C ALA B 175 2.79 -17.29 -14.15
N LEU B 176 2.72 -18.62 -14.08
CA LEU B 176 3.11 -19.43 -15.23
C LEU B 176 2.16 -19.27 -16.41
N GLU B 177 0.85 -19.16 -16.15
CA GLU B 177 -0.10 -18.87 -17.22
C GLU B 177 0.17 -17.50 -17.84
N ASP B 178 0.33 -16.47 -17.01
CA ASP B 178 0.52 -15.12 -17.54
C ASP B 178 1.80 -15.02 -18.36
N ALA B 179 2.86 -15.72 -17.92
CA ALA B 179 4.15 -15.58 -18.58
C ALA B 179 4.04 -15.87 -20.08
N GLU B 180 3.19 -16.82 -20.46
CA GLU B 180 2.99 -17.11 -21.88
C GLU B 180 2.58 -15.86 -22.66
N HIS B 181 1.58 -15.13 -22.16
CA HIS B 181 1.07 -13.99 -22.92
C HIS B 181 2.06 -12.83 -22.97
N PHE B 182 2.97 -12.72 -22.01
CA PHE B 182 3.98 -11.68 -22.01
C PHE B 182 5.22 -12.07 -22.82
N GLY B 183 5.18 -13.21 -23.50
CA GLY B 183 6.21 -13.61 -24.45
C GLY B 183 7.18 -14.71 -24.04
N TRP B 184 6.92 -15.41 -22.93
CA TRP B 184 7.81 -16.48 -22.48
C TRP B 184 7.36 -17.82 -23.08
N SER B 185 8.33 -18.69 -23.34
CA SER B 185 8.11 -19.81 -24.26
C SER B 185 7.56 -21.07 -23.58
N LEU B 186 7.34 -21.05 -22.26
CA LEU B 186 6.82 -22.19 -21.53
C LEU B 186 5.39 -22.53 -21.93
N ASP B 187 5.02 -23.78 -21.70
CA ASP B 187 3.66 -24.29 -21.88
C ASP B 187 3.15 -24.74 -20.53
N ARG B 188 2.31 -23.92 -19.90
CA ARG B 188 1.78 -24.22 -18.57
C ARG B 188 1.02 -25.54 -18.53
N SER B 189 0.49 -25.98 -19.68
CA SER B 189 -0.23 -27.25 -19.77
C SER B 189 0.58 -28.42 -19.22
N LYS B 190 1.89 -28.42 -19.45
CA LYS B 190 2.73 -29.56 -19.13
C LYS B 190 3.48 -29.38 -17.81
N ILE B 191 3.00 -28.52 -16.91
CA ILE B 191 3.65 -28.29 -15.64
C ILE B 191 2.69 -28.67 -14.51
N SER B 192 3.22 -29.39 -13.53
CA SER B 192 2.44 -29.90 -12.40
C SER B 192 3.17 -29.56 -11.11
N HIS B 193 2.47 -29.68 -9.98
CA HIS B 193 3.02 -29.34 -8.68
C HIS B 193 3.37 -30.58 -7.85
N ASN B 194 4.42 -30.46 -7.05
CA ASN B 194 4.88 -31.53 -6.14
C ASN B 194 4.67 -31.07 -4.70
N TRP B 195 3.68 -31.65 -4.03
CA TRP B 195 3.33 -31.24 -2.67
C TRP B 195 4.51 -31.33 -1.72
N SER B 196 5.23 -32.46 -1.73
CA SER B 196 6.19 -32.65 -0.66
C SER B 196 7.46 -31.83 -0.86
N THR B 197 7.79 -31.46 -2.10
CA THR B 197 8.88 -30.50 -2.29
C THR B 197 8.53 -29.15 -1.64
N MET B 198 7.31 -28.66 -1.87
CA MET B 198 6.82 -27.47 -1.18
C MET B 198 6.92 -27.62 0.33
N VAL B 199 6.38 -28.71 0.86
CA VAL B 199 6.32 -28.86 2.32
C VAL B 199 7.71 -28.85 2.92
N GLU B 200 8.71 -29.38 2.19
CA GLU B 200 10.07 -29.39 2.70
C GLU B 200 10.65 -27.97 2.79
N GLY B 201 10.47 -27.16 1.76
CA GLY B 201 10.95 -25.79 1.83
C GLY B 201 10.25 -24.98 2.90
N VAL B 202 8.93 -25.20 3.06
CA VAL B 202 8.16 -24.48 4.07
C VAL B 202 8.63 -24.87 5.46
N GLN B 203 8.80 -26.17 5.70
CA GLN B 203 9.27 -26.63 7.01
C GLN B 203 10.71 -26.22 7.27
N SER B 204 11.51 -26.09 6.21
CA SER B 204 12.86 -25.58 6.37
C SER B 204 12.85 -24.16 6.91
N HIS B 205 12.01 -23.29 6.36
CA HIS B 205 11.93 -21.92 6.87
C HIS B 205 11.43 -21.88 8.31
N ILE B 206 10.46 -22.74 8.65
CA ILE B 206 9.93 -22.70 10.01
C ILE B 206 11.00 -23.15 10.99
N GLY B 207 11.79 -24.17 10.61
CA GLY B 207 12.88 -24.62 11.46
C GLY B 207 13.90 -23.52 11.72
N SER B 208 14.05 -22.59 10.78
CA SER B 208 15.01 -21.53 11.04
C SER B 208 14.41 -20.47 11.96
N LEU B 209 13.09 -20.31 11.99
CA LEU B 209 12.50 -19.43 12.99
C LEU B 209 12.50 -20.07 14.37
N ASN B 210 12.20 -21.37 14.46
CA ASN B 210 12.36 -22.08 15.74
C ASN B 210 13.74 -21.83 16.34
N TRP B 211 14.80 -22.08 15.56
CA TRP B 211 16.17 -21.88 16.02
C TRP B 211 16.44 -20.42 16.35
N GLY B 212 16.02 -19.51 15.48
CA GLY B 212 16.24 -18.10 15.71
C GLY B 212 15.65 -17.58 17.00
N TYR B 213 14.49 -18.12 17.42
CA TYR B 213 13.88 -17.69 18.68
C TYR B 213 14.66 -18.22 19.88
N LYS B 214 15.20 -19.44 19.77
CA LYS B 214 16.01 -19.95 20.88
C LYS B 214 17.26 -19.08 21.06
N VAL B 215 17.87 -18.67 19.95
CA VAL B 215 19.05 -17.81 20.02
C VAL B 215 18.70 -16.45 20.61
N ALA B 216 17.61 -15.85 20.12
CA ALA B 216 17.16 -14.56 20.65
C ALA B 216 16.95 -14.61 22.16
N LEU B 217 16.29 -15.65 22.66
CA LEU B 217 16.08 -15.75 24.10
C LEU B 217 17.40 -15.90 24.85
N ARG B 218 18.30 -16.74 24.32
CA ARG B 218 19.61 -16.91 24.95
C ARG B 218 20.39 -15.60 24.99
N ASP B 219 20.51 -14.91 23.86
CA ASP B 219 21.27 -13.66 23.76
C ASP B 219 20.61 -12.48 24.49
N ASN B 220 19.44 -12.67 25.08
CA ASN B 220 18.80 -11.66 25.92
C ASN B 220 18.79 -12.06 27.39
N GLN B 221 19.41 -13.19 27.74
CA GLN B 221 19.45 -13.69 29.13
C GLN B 221 18.04 -14.01 29.63
N VAL B 222 17.24 -14.64 28.77
CA VAL B 222 15.91 -15.11 29.12
C VAL B 222 15.97 -16.63 29.29
N THR B 223 15.49 -17.12 30.42
CA THR B 223 15.43 -18.57 30.63
C THR B 223 14.27 -19.17 29.85
N TYR B 224 14.58 -20.06 28.91
CA TYR B 224 13.56 -20.79 28.16
C TYR B 224 13.43 -22.20 28.72
N LEU B 225 12.22 -22.56 29.17
CA LEU B 225 11.91 -23.90 29.65
C LEU B 225 10.82 -24.50 28.77
N ASN B 226 11.17 -25.52 27.99
CA ASN B 226 10.19 -26.26 27.21
C ASN B 226 9.35 -27.13 28.15
N ALA B 227 8.46 -26.48 28.91
CA ALA B 227 7.73 -27.13 30.00
C ALA B 227 6.29 -26.65 30.02
N LYS B 228 5.36 -27.54 30.39
CA LYS B 228 3.97 -27.14 30.57
C LYS B 228 3.80 -26.45 31.90
N GLY B 229 3.13 -25.29 31.90
CA GLY B 229 3.01 -24.47 33.08
C GLY B 229 1.56 -24.30 33.52
N ARG B 230 1.38 -24.10 34.83
CA ARG B 230 0.05 -23.98 35.42
C ARG B 230 0.13 -23.03 36.61
N LEU B 231 -0.68 -21.98 36.59
CA LEU B 231 -0.71 -21.02 37.68
C LEU B 231 -1.54 -21.60 38.83
N ILE B 232 -0.86 -21.98 39.92
CA ILE B 232 -1.52 -22.58 41.07
C ILE B 232 -1.84 -21.56 42.16
N SER B 233 -1.13 -20.45 42.22
CA SER B 233 -1.44 -19.35 43.13
C SER B 233 -0.98 -18.08 42.44
N PRO B 234 -1.31 -16.89 43.00
CA PRO B 234 -0.96 -15.63 42.31
C PRO B 234 0.50 -15.48 41.93
N HIS B 235 1.44 -16.11 42.65
CA HIS B 235 2.87 -15.95 42.37
C HIS B 235 3.59 -17.27 42.12
N GLU B 236 2.88 -18.40 42.04
CA GLU B 236 3.51 -19.72 41.89
C GLU B 236 3.07 -20.38 40.59
N VAL B 237 4.03 -20.90 39.83
CA VAL B 237 3.75 -21.60 38.59
C VAL B 237 4.34 -22.98 38.69
N GLN B 238 3.49 -24.00 38.61
CA GLN B 238 3.92 -25.39 38.61
C GLN B 238 4.26 -25.82 37.18
N ILE B 239 5.41 -26.46 37.00
CA ILE B 239 5.91 -26.82 35.68
C ILE B 239 6.14 -28.33 35.61
N THR B 240 6.01 -28.88 34.40
CA THR B 240 6.24 -30.31 34.19
C THR B 240 7.24 -30.51 33.06
N ASP B 241 8.27 -31.31 33.34
CA ASP B 241 9.39 -31.59 32.46
C ASP B 241 8.95 -32.41 31.25
N LYS B 242 9.86 -32.54 30.28
CA LYS B 242 9.67 -33.56 29.25
C LYS B 242 9.88 -34.96 29.81
N ASN B 243 10.42 -35.09 31.02
CA ASN B 243 10.54 -36.36 31.71
C ASN B 243 9.47 -36.55 32.77
N GLN B 244 8.45 -35.68 32.80
CA GLN B 244 7.33 -35.72 33.73
C GLN B 244 7.71 -35.28 35.14
N LYS B 245 8.79 -34.53 35.31
CA LYS B 245 9.22 -34.06 36.62
C LYS B 245 8.52 -32.74 36.97
N VAL B 246 7.84 -32.71 38.10
CA VAL B 246 7.07 -31.54 38.55
C VAL B 246 7.86 -30.73 39.56
N SER B 247 7.86 -29.41 39.41
CA SER B 247 8.45 -28.51 40.38
C SER B 247 7.68 -27.17 40.33
N THR B 248 8.10 -26.22 41.15
CA THR B 248 7.40 -24.95 41.29
C THR B 248 8.39 -23.81 41.25
N ILE B 249 8.10 -22.80 40.44
CA ILE B 249 8.90 -21.58 40.35
C ILE B 249 8.00 -20.41 40.73
N THR B 250 8.62 -19.30 41.10
CA THR B 250 7.89 -18.16 41.61
C THR B 250 8.26 -16.92 40.83
N GLY B 251 7.28 -16.04 40.67
CA GLY B 251 7.49 -14.82 39.91
C GLY B 251 6.69 -13.68 40.47
N ASN B 252 7.23 -12.47 40.32
CA ASN B 252 6.55 -11.27 40.79
C ASN B 252 5.34 -10.94 39.90
N LYS B 253 5.58 -10.76 38.60
CA LYS B 253 4.51 -10.56 37.62
C LYS B 253 4.32 -11.82 36.78
N ILE B 254 3.06 -12.16 36.48
CA ILE B 254 2.73 -13.27 35.58
C ILE B 254 2.02 -12.71 34.35
N ILE B 255 2.45 -13.16 33.16
CA ILE B 255 1.70 -12.90 31.91
C ILE B 255 1.22 -14.22 31.33
N LEU B 256 -0.10 -14.34 31.14
CA LEU B 256 -0.70 -15.49 30.46
C LEU B 256 -0.87 -15.16 28.97
N ALA B 257 -0.28 -16.01 28.11
CA ALA B 257 -0.24 -15.84 26.66
C ALA B 257 -0.25 -17.21 25.98
N THR B 258 -1.27 -18.03 26.24
CA THR B 258 -1.26 -19.43 25.83
C THR B 258 -2.08 -19.72 24.57
N GLY B 259 -2.82 -18.74 24.05
CA GLY B 259 -3.41 -18.95 22.74
C GLY B 259 -4.59 -19.92 22.74
N GLU B 260 -4.78 -20.57 21.58
CA GLU B 260 -5.94 -21.42 21.31
C GLU B 260 -5.49 -22.59 20.42
N ARG B 261 -6.41 -23.53 20.20
CA ARG B 261 -6.24 -24.66 19.31
C ARG B 261 -7.56 -24.90 18.59
N PRO B 262 -7.54 -25.69 17.51
CA PRO B 262 -8.76 -25.89 16.73
C PRO B 262 -9.80 -26.77 17.42
N LYS B 263 -11.08 -26.43 17.19
CA LYS B 263 -12.21 -27.24 17.64
C LYS B 263 -12.56 -28.30 16.61
N TYR B 264 -13.11 -29.41 17.10
CA TYR B 264 -13.77 -30.43 16.30
C TYR B 264 -15.26 -30.41 16.59
N PRO B 265 -16.08 -30.80 15.63
CA PRO B 265 -17.50 -30.98 15.89
C PRO B 265 -17.75 -32.29 16.63
N GLU B 266 -18.80 -32.31 17.45
CA GLU B 266 -19.16 -33.52 18.18
C GLU B 266 -19.97 -34.44 17.27
N ILE B 267 -19.26 -35.16 16.40
CA ILE B 267 -19.87 -36.18 15.55
C ILE B 267 -18.92 -37.36 15.42
N PRO B 268 -19.47 -38.56 15.26
CA PRO B 268 -18.62 -39.74 15.18
C PRO B 268 -17.68 -39.66 13.99
N GLY B 269 -16.40 -39.92 14.24
CA GLY B 269 -15.39 -40.04 13.21
C GLY B 269 -14.48 -38.82 13.05
N ALA B 270 -14.92 -37.65 13.52
CA ALA B 270 -14.19 -36.42 13.26
C ALA B 270 -12.77 -36.48 13.80
N VAL B 271 -12.62 -36.65 15.12
CA VAL B 271 -11.29 -36.71 15.72
C VAL B 271 -10.50 -37.89 15.16
N GLU B 272 -11.15 -39.05 15.02
CA GLU B 272 -10.42 -40.25 14.64
C GLU B 272 -9.92 -40.19 13.21
N TYR B 273 -10.66 -39.56 12.30
CA TYR B 273 -10.38 -39.70 10.88
C TYR B 273 -10.13 -38.39 10.11
N GLY B 274 -10.56 -37.25 10.63
CA GLY B 274 -10.26 -35.97 10.01
C GLY B 274 -8.96 -35.36 10.55
N ILE B 275 -8.60 -34.20 9.97
CA ILE B 275 -7.47 -33.40 10.44
C ILE B 275 -7.90 -31.93 10.52
N THR B 276 -7.03 -31.11 11.09
CA THR B 276 -7.22 -29.67 11.17
C THR B 276 -6.01 -28.96 10.56
N SER B 277 -6.01 -27.62 10.62
CA SER B 277 -4.89 -26.86 10.08
C SER B 277 -3.57 -27.18 10.79
N ASP B 278 -3.63 -27.55 12.08
CA ASP B 278 -2.42 -27.96 12.81
C ASP B 278 -1.67 -29.06 12.09
N ASP B 279 -2.40 -29.97 11.43
CA ASP B 279 -1.78 -31.09 10.70
C ASP B 279 -1.44 -30.75 9.27
N LEU B 280 -2.19 -29.83 8.63
CA LEU B 280 -2.09 -29.64 7.18
C LEU B 280 -0.71 -29.14 6.74
N PHE B 281 -0.10 -28.22 7.50
CA PHE B 281 1.10 -27.54 7.03
C PHE B 281 2.37 -28.40 7.12
N SER B 282 2.30 -29.60 7.70
CA SER B 282 3.42 -30.53 7.64
C SER B 282 2.97 -31.92 7.19
N LEU B 283 1.80 -32.03 6.57
CA LEU B 283 1.31 -33.33 6.14
C LEU B 283 2.30 -33.96 5.17
N PRO B 284 2.69 -35.24 5.37
CA PRO B 284 3.71 -35.84 4.51
C PRO B 284 3.20 -36.40 3.20
N TYR B 285 1.89 -36.49 2.99
CA TYR B 285 1.31 -36.88 1.70
C TYR B 285 0.43 -35.75 1.16
N PHE B 286 0.28 -35.67 -0.15
CA PHE B 286 -0.70 -34.75 -0.72
C PHE B 286 -2.11 -35.14 -0.24
N PRO B 287 -2.94 -34.18 0.16
CA PRO B 287 -4.27 -34.53 0.68
C PRO B 287 -5.15 -35.30 -0.29
N GLY B 288 -5.00 -35.10 -1.61
CA GLY B 288 -5.91 -35.74 -2.56
C GLY B 288 -7.24 -35.01 -2.64
N LYS B 289 -8.30 -35.79 -2.84
CA LYS B 289 -9.65 -35.21 -2.87
C LYS B 289 -10.05 -34.76 -1.47
N THR B 290 -10.20 -33.46 -1.28
CA THR B 290 -10.33 -32.85 0.03
C THR B 290 -11.69 -32.22 0.23
N LEU B 291 -12.26 -32.42 1.41
CA LEU B 291 -13.44 -31.70 1.88
C LEU B 291 -13.01 -30.77 3.00
N VAL B 292 -13.29 -29.49 2.85
CA VAL B 292 -13.09 -28.53 3.93
C VAL B 292 -14.45 -28.21 4.53
N ILE B 293 -14.58 -28.39 5.84
CA ILE B 293 -15.84 -28.16 6.56
C ILE B 293 -15.68 -26.89 7.38
N GLY B 294 -16.52 -25.90 7.10
CA GLY B 294 -16.44 -24.59 7.71
C GLY B 294 -16.31 -23.49 6.68
N ALA B 295 -16.41 -22.24 7.16
CA ALA B 295 -16.41 -21.13 6.22
C ALA B 295 -15.71 -19.87 6.73
N SER B 296 -14.81 -20.01 7.69
CA SER B 296 -14.01 -18.91 8.21
C SER B 296 -12.87 -18.58 7.24
N TYR B 297 -12.04 -17.61 7.61
CA TYR B 297 -10.93 -17.28 6.73
C TYR B 297 -9.93 -18.44 6.65
N VAL B 298 -9.80 -19.24 7.71
CA VAL B 298 -8.89 -20.39 7.66
C VAL B 298 -9.36 -21.37 6.61
N ALA B 299 -10.67 -21.63 6.59
CA ALA B 299 -11.22 -22.64 5.67
C ALA B 299 -11.09 -22.21 4.21
N LEU B 300 -11.43 -20.95 3.91
CA LEU B 300 -11.37 -20.46 2.52
C LEU B 300 -9.93 -20.27 2.04
N GLU B 301 -9.03 -19.81 2.93
CA GLU B 301 -7.63 -19.69 2.53
C GLU B 301 -7.03 -21.05 2.19
N CYS B 302 -7.31 -22.08 3.00
CA CYS B 302 -6.75 -23.40 2.72
C CYS B 302 -7.39 -24.04 1.48
N ALA B 303 -8.70 -23.88 1.31
CA ALA B 303 -9.31 -24.40 0.09
C ALA B 303 -8.73 -23.70 -1.13
N GLY B 304 -8.47 -22.39 -1.02
CA GLY B 304 -7.98 -21.63 -2.16
C GLY B 304 -6.66 -22.11 -2.71
N PHE B 305 -5.66 -22.33 -1.83
CA PHE B 305 -4.41 -22.81 -2.39
C PHE B 305 -4.44 -24.31 -2.71
N LEU B 306 -5.29 -25.10 -2.04
CA LEU B 306 -5.42 -26.49 -2.45
C LEU B 306 -5.90 -26.62 -3.89
N ALA B 307 -6.87 -25.78 -4.29
CA ALA B 307 -7.33 -25.79 -5.68
C ALA B 307 -6.25 -25.28 -6.63
N SER B 308 -5.55 -24.21 -6.25
CA SER B 308 -4.56 -23.61 -7.14
C SER B 308 -3.39 -24.55 -7.40
N LEU B 309 -3.08 -25.45 -6.46
CA LEU B 309 -2.09 -26.49 -6.69
C LEU B 309 -2.64 -27.70 -7.42
N GLY B 310 -3.88 -27.63 -7.88
CA GLY B 310 -4.47 -28.70 -8.68
C GLY B 310 -5.28 -29.72 -7.92
N GLY B 311 -5.56 -29.50 -6.64
CA GLY B 311 -6.39 -30.43 -5.90
C GLY B 311 -7.85 -30.33 -6.27
N ASP B 312 -8.59 -31.39 -5.93
CA ASP B 312 -10.04 -31.45 -6.13
C ASP B 312 -10.67 -31.15 -4.77
N VAL B 313 -11.27 -29.97 -4.64
CA VAL B 313 -11.54 -29.33 -3.35
C VAL B 313 -13.01 -28.98 -3.25
N THR B 314 -13.63 -29.30 -2.11
CA THR B 314 -15.03 -28.97 -1.83
C THR B 314 -15.11 -28.33 -0.46
N VAL B 315 -15.93 -27.28 -0.35
CA VAL B 315 -16.13 -26.56 0.91
C VAL B 315 -17.60 -26.70 1.30
N MET B 316 -17.84 -27.23 2.51
CA MET B 316 -19.20 -27.45 3.03
C MET B 316 -19.56 -26.31 3.97
N VAL B 317 -20.57 -25.53 3.58
CA VAL B 317 -20.89 -24.27 4.24
C VAL B 317 -22.20 -24.44 5.00
N ARG B 318 -22.17 -24.17 6.30
CA ARG B 318 -23.39 -24.24 7.10
C ARG B 318 -24.38 -23.15 6.70
N SER B 319 -23.96 -21.88 6.80
CA SER B 319 -24.82 -20.75 6.44
C SER B 319 -24.12 -19.83 5.43
N ILE B 320 -23.31 -18.88 5.92
CA ILE B 320 -22.67 -17.85 5.10
C ILE B 320 -21.14 -17.97 5.12
N LEU B 321 -20.49 -17.27 4.18
CA LEU B 321 -19.04 -17.14 4.17
C LEU B 321 -18.61 -15.94 5.03
N LEU B 322 -17.54 -16.14 5.81
CA LEU B 322 -16.89 -15.05 6.57
C LEU B 322 -17.90 -14.28 7.44
N ARG B 323 -18.61 -15.01 8.29
CA ARG B 323 -19.44 -14.37 9.29
C ARG B 323 -18.64 -13.32 10.05
N GLY B 324 -19.20 -12.12 10.16
CA GLY B 324 -18.56 -11.01 10.83
C GLY B 324 -17.88 -10.01 9.91
N PHE B 325 -17.59 -10.42 8.67
CA PHE B 325 -17.01 -9.57 7.63
C PHE B 325 -18.11 -9.03 6.70
N ASP B 326 -17.79 -7.91 6.03
CA ASP B 326 -18.71 -7.30 5.07
C ASP B 326 -19.21 -8.35 4.08
N GLN B 327 -20.55 -8.55 4.06
CA GLN B 327 -21.10 -9.69 3.34
C GLN B 327 -21.07 -9.50 1.82
N GLN B 328 -21.14 -8.26 1.34
CA GLN B 328 -20.98 -8.07 -0.11
C GLN B 328 -19.59 -8.49 -0.56
N MET B 329 -18.56 -8.13 0.20
CA MET B 329 -17.19 -8.52 -0.14
C MET B 329 -16.98 -10.04 0.03
N ALA B 330 -17.56 -10.63 1.08
CA ALA B 330 -17.43 -12.07 1.26
C ALA B 330 -18.04 -12.83 0.09
N GLU B 331 -19.18 -12.35 -0.43
CA GLU B 331 -19.78 -12.96 -1.60
C GLU B 331 -18.89 -12.81 -2.82
N LYS B 332 -18.25 -11.64 -2.98
CA LYS B 332 -17.33 -11.45 -4.11
C LYS B 332 -16.15 -12.41 -4.02
N VAL B 333 -15.62 -12.62 -2.82
CA VAL B 333 -14.55 -13.59 -2.62
C VAL B 333 -15.00 -14.99 -3.03
N GLY B 334 -16.18 -15.38 -2.59
CA GLY B 334 -16.62 -16.75 -2.83
C GLY B 334 -16.94 -17.01 -4.29
N ASP B 335 -17.53 -16.01 -4.95
CA ASP B 335 -17.79 -16.09 -6.39
C ASP B 335 -16.50 -16.29 -7.19
N TYR B 336 -15.43 -15.58 -6.81
CA TYR B 336 -14.18 -15.75 -7.55
C TYR B 336 -13.66 -17.18 -7.39
N MET B 337 -13.69 -17.70 -6.17
CA MET B 337 -13.24 -19.07 -5.90
C MET B 337 -14.09 -20.09 -6.66
N GLU B 338 -15.42 -19.94 -6.61
CA GLU B 338 -16.28 -20.86 -7.33
C GLU B 338 -15.95 -20.87 -8.81
N ASN B 339 -15.51 -19.73 -9.34
CA ASN B 339 -15.17 -19.64 -10.74
C ASN B 339 -13.82 -20.26 -11.06
N HIS B 340 -12.92 -20.36 -10.08
CA HIS B 340 -11.55 -20.82 -10.35
C HIS B 340 -11.23 -22.14 -9.67
N GLY B 341 -12.21 -23.05 -9.59
CA GLY B 341 -11.97 -24.44 -9.26
C GLY B 341 -12.59 -24.94 -7.97
N VAL B 342 -12.88 -24.07 -7.00
CA VAL B 342 -13.42 -24.53 -5.72
C VAL B 342 -14.91 -24.80 -5.85
N LYS B 343 -15.34 -25.99 -5.43
CA LYS B 343 -16.76 -26.33 -5.37
C LYS B 343 -17.30 -26.08 -3.97
N PHE B 344 -18.59 -25.73 -3.89
CA PHE B 344 -19.23 -25.46 -2.61
C PHE B 344 -20.49 -26.32 -2.44
N ALA B 345 -20.76 -26.77 -1.23
CA ALA B 345 -21.99 -27.47 -0.88
C ALA B 345 -22.71 -26.59 0.13
N LYS B 346 -23.67 -25.82 -0.35
CA LYS B 346 -24.21 -24.70 0.42
C LYS B 346 -25.35 -25.16 1.31
N LEU B 347 -25.45 -24.56 2.50
CA LEU B 347 -26.47 -24.87 3.50
C LEU B 347 -26.48 -26.36 3.84
N CYS B 348 -25.30 -26.82 4.31
CA CYS B 348 -25.01 -28.23 4.51
C CYS B 348 -24.21 -28.39 5.79
N VAL B 349 -24.32 -29.55 6.43
CA VAL B 349 -23.72 -29.81 7.73
C VAL B 349 -23.35 -31.29 7.80
N PRO B 350 -22.25 -31.68 8.44
CA PRO B 350 -21.86 -33.10 8.49
C PRO B 350 -22.47 -33.87 9.66
N ASP B 351 -22.72 -35.16 9.42
CA ASP B 351 -23.26 -36.06 10.44
C ASP B 351 -22.29 -37.14 10.94
N GLU B 352 -21.40 -37.67 10.08
CA GLU B 352 -20.40 -38.64 10.54
C GLU B 352 -19.34 -38.82 9.47
N ILE B 353 -18.18 -39.33 9.89
CA ILE B 353 -17.07 -39.69 9.00
C ILE B 353 -16.79 -41.18 9.20
N LYS B 354 -16.88 -41.94 8.12
CA LYS B 354 -16.66 -43.39 8.15
C LYS B 354 -15.35 -43.71 7.43
N GLN B 355 -14.53 -44.57 8.03
CA GLN B 355 -13.28 -44.97 7.43
C GLN B 355 -13.49 -46.12 6.45
N LEU B 356 -12.98 -45.96 5.22
CA LEU B 356 -12.96 -47.03 4.24
C LEU B 356 -11.57 -47.59 4.03
N LYS B 357 -10.54 -46.76 4.16
CA LYS B 357 -9.15 -47.16 4.01
C LYS B 357 -8.33 -46.38 5.03
N VAL B 358 -7.35 -47.06 5.63
CA VAL B 358 -6.45 -46.48 6.63
C VAL B 358 -5.34 -45.70 5.93
N VAL B 359 -4.80 -44.67 6.60
CA VAL B 359 -3.66 -43.93 6.03
C VAL B 359 -2.47 -44.87 5.84
N ASP B 360 -1.89 -44.83 4.64
CA ASP B 360 -0.70 -45.64 4.33
C ASP B 360 0.58 -44.88 4.65
N THR B 361 1.15 -45.15 5.82
CA THR B 361 2.37 -44.46 6.26
C THR B 361 3.58 -44.83 5.41
N GLU B 362 3.79 -46.12 5.17
CA GLU B 362 4.99 -46.56 4.47
C GLU B 362 5.06 -45.96 3.06
N ASN B 363 4.00 -46.14 2.28
CA ASN B 363 3.99 -45.71 0.88
C ASN B 363 3.58 -44.26 0.70
N ASN B 364 3.25 -43.55 1.78
CA ASN B 364 2.99 -42.11 1.75
C ASN B 364 1.76 -41.76 0.91
N LYS B 365 0.59 -42.22 1.36
CA LYS B 365 -0.68 -42.03 0.67
C LYS B 365 -1.79 -41.79 1.70
N PRO B 366 -2.76 -40.96 1.36
CA PRO B 366 -3.90 -40.75 2.27
C PRO B 366 -4.77 -42.01 2.33
N GLY B 367 -5.70 -41.99 3.27
CA GLY B 367 -6.70 -43.04 3.35
C GLY B 367 -7.81 -42.84 2.34
N LEU B 368 -9.01 -43.27 2.74
CA LEU B 368 -10.24 -43.07 2.00
C LEU B 368 -11.35 -42.99 3.03
N LEU B 369 -12.18 -41.94 2.97
CA LEU B 369 -13.24 -41.73 3.95
C LEU B 369 -14.57 -41.53 3.24
N LEU B 370 -15.65 -41.87 3.93
CA LEU B 370 -17.02 -41.59 3.47
C LEU B 370 -17.66 -40.59 4.43
N VAL B 371 -18.18 -39.49 3.88
CA VAL B 371 -18.78 -38.40 4.65
C VAL B 371 -20.28 -38.43 4.42
N LYS B 372 -21.04 -38.41 5.52
CA LYS B 372 -22.50 -38.36 5.49
C LYS B 372 -22.95 -37.02 6.07
N GLY B 373 -23.81 -36.32 5.33
CA GLY B 373 -24.37 -35.09 5.83
C GLY B 373 -25.78 -34.86 5.35
N HIS B 374 -26.33 -33.67 5.62
CA HIS B 374 -27.66 -33.32 5.18
C HIS B 374 -27.79 -31.80 5.02
N TYR B 375 -28.58 -31.39 4.03
CA TYR B 375 -28.90 -29.99 3.78
C TYR B 375 -30.08 -29.53 4.62
N THR B 376 -30.19 -28.20 4.77
CA THR B 376 -31.24 -27.60 5.60
C THR B 376 -32.65 -27.97 5.14
N ASP B 377 -32.84 -28.22 3.85
CA ASP B 377 -34.17 -28.63 3.41
C ASP B 377 -34.50 -30.03 3.92
N GLY B 378 -33.56 -30.96 3.80
CA GLY B 378 -33.76 -32.35 4.18
C GLY B 378 -32.92 -33.37 3.42
N LYS B 379 -32.65 -33.11 2.13
CA LYS B 379 -31.84 -34.01 1.31
C LYS B 379 -30.52 -34.41 1.96
N LYS B 380 -29.99 -35.52 1.53
CA LYS B 380 -28.84 -36.14 2.16
C LYS B 380 -27.58 -35.84 1.36
N PHE B 381 -26.48 -35.62 2.07
CA PHE B 381 -25.14 -35.53 1.48
C PHE B 381 -24.41 -36.83 1.72
N GLU B 382 -23.84 -37.40 0.66
CA GLU B 382 -23.00 -38.60 0.82
C GLU B 382 -21.97 -38.64 -0.30
N GLU B 383 -20.69 -38.49 0.07
CA GLU B 383 -19.60 -38.52 -0.89
C GLU B 383 -18.34 -39.02 -0.20
N GLU B 384 -17.44 -39.60 -0.99
CA GLU B 384 -16.14 -40.03 -0.50
C GLU B 384 -15.07 -38.96 -0.78
N PHE B 385 -14.15 -38.81 0.17
CA PHE B 385 -13.00 -37.90 0.10
C PHE B 385 -11.78 -38.62 0.66
N GLU B 386 -10.61 -38.18 0.23
CA GLU B 386 -9.38 -38.77 0.75
C GLU B 386 -8.92 -38.11 2.05
N THR B 387 -9.24 -36.82 2.23
CA THR B 387 -8.85 -36.03 3.38
C THR B 387 -10.04 -35.15 3.77
N VAL B 388 -10.28 -35.02 5.07
CA VAL B 388 -11.34 -34.15 5.57
C VAL B 388 -10.74 -33.22 6.61
N ILE B 389 -10.87 -31.90 6.39
CA ILE B 389 -10.26 -30.86 7.21
C ILE B 389 -11.37 -30.10 7.92
N PHE B 390 -11.25 -29.96 9.23
CA PHE B 390 -12.20 -29.19 10.01
C PHE B 390 -11.63 -27.82 10.34
N ALA B 391 -12.39 -26.78 10.00
CA ALA B 391 -12.09 -25.40 10.37
C ALA B 391 -13.40 -24.78 10.86
N VAL B 392 -13.80 -25.16 12.08
CA VAL B 392 -15.06 -24.76 12.66
C VAL B 392 -14.80 -23.88 13.89
N GLY B 393 -13.65 -23.23 13.93
CA GLY B 393 -13.31 -22.28 14.97
C GLY B 393 -12.24 -22.80 15.92
N ARG B 394 -11.75 -21.88 16.75
CA ARG B 394 -10.69 -22.15 17.70
C ARG B 394 -11.18 -21.76 19.10
N GLU B 395 -10.57 -22.35 20.14
CA GLU B 395 -10.95 -22.02 21.51
C GLU B 395 -9.75 -22.22 22.43
N PRO B 396 -9.74 -21.56 23.58
CA PRO B 396 -8.72 -21.83 24.60
C PRO B 396 -9.17 -22.91 25.59
N GLN B 397 -8.18 -23.44 26.30
CA GLN B 397 -8.44 -24.46 27.32
C GLN B 397 -7.77 -23.97 28.61
N LEU B 398 -8.38 -22.96 29.23
CA LEU B 398 -7.67 -22.26 30.30
C LEU B 398 -7.63 -23.09 31.58
N SER B 399 -8.59 -24.00 31.76
CA SER B 399 -8.55 -24.97 32.85
C SER B 399 -7.21 -25.70 32.92
N LYS B 400 -6.57 -25.97 31.78
CA LYS B 400 -5.23 -26.57 31.80
C LYS B 400 -4.16 -25.60 32.29
N VAL B 401 -4.35 -24.30 32.06
CA VAL B 401 -3.33 -23.30 32.34
C VAL B 401 -3.46 -22.71 33.75
N LEU B 402 -4.65 -22.73 34.32
CA LEU B 402 -5.02 -21.78 35.36
C LEU B 402 -5.94 -22.45 36.37
N CYS B 403 -5.46 -22.64 37.61
CA CYS B 403 -6.31 -23.18 38.65
C CYS B 403 -7.39 -22.18 39.06
N GLU B 404 -8.60 -22.70 39.27
CA GLU B 404 -9.75 -21.85 39.54
C GLU B 404 -9.66 -21.17 40.90
N THR B 405 -8.88 -21.70 41.83
CA THR B 405 -8.76 -21.04 43.13
C THR B 405 -7.92 -19.78 43.08
N VAL B 406 -7.14 -19.57 42.02
CA VAL B 406 -6.34 -18.36 41.92
C VAL B 406 -7.25 -17.14 41.84
N GLY B 407 -8.42 -17.30 41.24
CA GLY B 407 -9.36 -16.21 41.20
C GLY B 407 -9.25 -15.33 39.98
N VAL B 408 -8.76 -15.86 38.87
CA VAL B 408 -8.73 -15.14 37.60
C VAL B 408 -10.06 -15.36 36.90
N LYS B 409 -10.81 -14.26 36.67
CA LYS B 409 -12.15 -14.31 36.08
C LYS B 409 -12.12 -14.55 34.56
N LEU B 410 -13.05 -15.39 34.10
CA LEU B 410 -13.21 -15.72 32.68
C LEU B 410 -14.63 -15.38 32.20
N ASP B 411 -14.75 -15.06 30.92
CA ASP B 411 -16.05 -14.76 30.36
C ASP B 411 -16.76 -16.06 29.97
N LYS B 412 -18.00 -15.96 29.47
CA LYS B 412 -18.75 -17.18 29.19
C LYS B 412 -18.13 -18.02 28.07
N ASN B 413 -17.22 -17.47 27.26
CA ASN B 413 -16.51 -18.23 26.23
C ASN B 413 -15.20 -18.87 26.73
N GLY B 414 -14.79 -18.61 27.98
CA GLY B 414 -13.52 -19.10 28.47
C GLY B 414 -12.32 -18.21 28.19
N ARG B 415 -12.51 -16.95 27.83
CA ARG B 415 -11.40 -16.02 27.70
C ARG B 415 -11.32 -15.11 28.94
N VAL B 416 -10.16 -14.46 29.09
CA VAL B 416 -9.80 -13.76 30.33
C VAL B 416 -10.34 -12.35 30.26
N VAL B 417 -11.05 -11.92 31.31
CA VAL B 417 -11.57 -10.57 31.36
C VAL B 417 -10.48 -9.64 31.88
N CYS B 418 -10.10 -8.66 31.08
CA CYS B 418 -9.01 -7.75 31.42
C CYS B 418 -9.48 -6.31 31.41
N THR B 419 -8.79 -5.48 32.19
CA THR B 419 -8.93 -4.03 32.09
C THR B 419 -8.27 -3.54 30.80
N ASP B 420 -8.27 -2.22 30.61
CA ASP B 420 -7.70 -1.68 29.36
C ASP B 420 -6.16 -1.63 29.40
N ASP B 421 -5.53 -2.07 30.48
CA ASP B 421 -4.09 -2.23 30.49
C ASP B 421 -3.69 -3.69 30.72
N GLU B 422 -4.56 -4.63 30.29
CA GLU B 422 -4.32 -6.07 30.24
C GLU B 422 -4.34 -6.75 31.62
N GLN B 423 -4.68 -6.05 32.70
CA GLN B 423 -4.68 -6.63 34.05
C GLN B 423 -5.88 -7.57 34.28
N THR B 424 -5.64 -8.69 34.98
CA THR B 424 -6.72 -9.62 35.33
C THR B 424 -7.39 -9.14 36.61
N THR B 425 -8.27 -9.97 37.19
CA THR B 425 -8.87 -9.66 38.49
C THR B 425 -7.88 -9.88 39.65
N VAL B 426 -6.87 -10.70 39.45
CA VAL B 426 -5.74 -10.83 40.37
C VAL B 426 -4.68 -9.82 39.91
N SER B 427 -4.20 -8.99 40.84
CA SER B 427 -3.59 -7.71 40.46
C SER B 427 -2.16 -7.83 39.91
N ASN B 428 -1.48 -8.97 40.08
CA ASN B 428 -0.15 -9.14 39.52
C ASN B 428 -0.15 -9.99 38.25
N VAL B 429 -1.31 -10.42 37.78
CA VAL B 429 -1.46 -11.33 36.65
C VAL B 429 -2.09 -10.57 35.50
N TYR B 430 -1.49 -10.67 34.31
CA TYR B 430 -2.02 -10.03 33.10
C TYR B 430 -2.24 -11.09 32.02
N ALA B 431 -3.03 -10.75 31.00
CA ALA B 431 -3.20 -11.64 29.87
C ALA B 431 -3.12 -10.85 28.56
N ILE B 432 -2.46 -11.41 27.54
CA ILE B 432 -2.29 -10.80 26.22
C ILE B 432 -2.68 -11.79 25.13
N GLY B 433 -2.95 -11.27 23.93
CA GLY B 433 -3.19 -12.13 22.78
C GLY B 433 -4.60 -12.72 22.68
N ASP B 434 -4.67 -13.90 22.07
CA ASP B 434 -5.96 -14.49 21.69
C ASP B 434 -6.88 -14.75 22.88
N ILE B 435 -6.31 -14.93 24.08
CA ILE B 435 -7.11 -15.26 25.26
C ILE B 435 -7.65 -14.04 25.99
N ASN B 436 -7.23 -12.84 25.60
CA ASN B 436 -7.81 -11.61 26.12
C ASN B 436 -9.19 -11.40 25.49
N ALA B 437 -10.24 -11.38 26.31
CA ALA B 437 -11.60 -11.29 25.79
C ALA B 437 -11.84 -10.01 24.99
N GLY B 438 -12.59 -10.13 23.90
CA GLY B 438 -13.04 -8.98 23.15
C GLY B 438 -12.03 -8.30 22.23
N LYS B 439 -10.74 -8.71 22.25
CA LYS B 439 -9.71 -8.09 21.42
C LYS B 439 -9.57 -8.82 20.09
N PRO B 440 -9.08 -8.15 19.05
CA PRO B 440 -8.95 -8.83 17.76
C PRO B 440 -7.84 -9.86 17.82
N GLN B 441 -8.09 -11.05 17.28
CA GLN B 441 -7.17 -12.18 17.42
C GLN B 441 -6.21 -12.17 16.23
N LEU B 442 -5.09 -11.45 16.37
CA LEU B 442 -4.18 -11.23 15.25
C LEU B 442 -2.76 -11.12 15.81
N THR B 443 -1.78 -11.64 15.05
CA THR B 443 -0.41 -11.65 15.55
C THR B 443 0.15 -10.26 15.84
N PRO B 444 0.08 -9.27 14.94
CA PRO B 444 0.66 -7.96 15.28
C PRO B 444 -0.02 -7.28 16.46
N VAL B 445 -1.28 -7.63 16.77
CA VAL B 445 -1.94 -7.10 17.97
C VAL B 445 -1.29 -7.66 19.24
N ALA B 446 -1.16 -8.99 19.32
CA ALA B 446 -0.50 -9.63 20.45
C ALA B 446 0.93 -9.11 20.67
N ILE B 447 1.70 -8.92 19.59
CA ILE B 447 3.08 -8.42 19.71
C ILE B 447 3.08 -7.01 20.30
N GLN B 448 2.24 -6.13 19.75
CA GLN B 448 2.14 -4.75 20.26
C GLN B 448 1.70 -4.72 21.71
N ALA B 449 0.68 -5.52 22.07
CA ALA B 449 0.22 -5.58 23.46
C ALA B 449 1.33 -6.06 24.39
N GLY B 450 2.01 -7.16 24.02
CA GLY B 450 3.07 -7.68 24.87
C GLY B 450 4.21 -6.69 25.08
N ARG B 451 4.62 -5.98 24.02
CA ARG B 451 5.76 -5.07 24.13
C ARG B 451 5.42 -3.85 24.95
N TYR B 452 4.26 -3.24 24.68
CA TYR B 452 3.84 -2.05 25.41
C TYR B 452 3.66 -2.36 26.90
N LEU B 453 3.08 -3.53 27.22
CA LEU B 453 2.86 -3.89 28.63
C LEU B 453 4.18 -4.07 29.39
N ALA B 454 5.17 -4.75 28.79
CA ALA B 454 6.47 -4.88 29.46
C ALA B 454 7.10 -3.51 29.71
N ARG B 455 6.92 -2.56 28.78
CA ARG B 455 7.42 -1.22 29.02
C ARG B 455 6.71 -0.53 30.19
N ARG B 456 5.45 -0.89 30.46
CA ARG B 456 4.73 -0.26 31.55
C ARG B 456 5.15 -0.85 32.90
N LEU B 457 5.40 -2.17 32.96
CA LEU B 457 5.76 -2.81 34.22
C LEU B 457 7.19 -2.46 34.64
N PHE B 458 8.12 -2.37 33.67
CA PHE B 458 9.53 -2.32 34.02
C PHE B 458 10.28 -1.06 33.60
N ALA B 459 9.68 -0.16 32.82
CA ALA B 459 10.37 1.08 32.47
C ALA B 459 9.54 2.33 32.75
N GLY B 460 8.42 2.21 33.46
CA GLY B 460 7.60 3.36 33.77
C GLY B 460 6.83 3.96 32.61
N ALA B 461 6.61 3.21 31.54
CA ALA B 461 5.90 3.76 30.39
C ALA B 461 4.42 3.93 30.72
N THR B 462 3.76 4.87 30.01
CA THR B 462 2.33 5.06 30.13
C THR B 462 1.53 4.63 28.91
N GLU B 463 2.17 4.41 27.76
CA GLU B 463 1.44 4.12 26.51
C GLU B 463 0.57 2.87 26.63
N LEU B 464 -0.69 2.99 26.18
CA LEU B 464 -1.60 1.85 26.09
C LEU B 464 -1.68 1.36 24.64
N THR B 465 -2.11 0.10 24.48
CA THR B 465 -2.39 -0.45 23.15
C THR B 465 -3.74 0.05 22.64
N ASP B 466 -3.79 0.50 21.40
CA ASP B 466 -5.04 0.95 20.78
C ASP B 466 -5.59 -0.18 19.95
N TYR B 467 -6.76 -0.70 20.33
CA TYR B 467 -7.34 -1.89 19.71
C TYR B 467 -8.35 -1.61 18.61
N SER B 468 -8.64 -0.34 18.30
CA SER B 468 -9.71 0.01 17.38
C SER B 468 -9.21 0.19 15.94
N ASN B 469 -10.07 -0.18 15.00
CA ASN B 469 -9.80 0.00 13.56
C ASN B 469 -8.53 -0.72 13.12
N VAL B 470 -8.27 -1.90 13.67
CA VAL B 470 -7.11 -2.71 13.26
C VAL B 470 -7.41 -3.36 11.91
N ALA B 471 -6.52 -3.14 10.95
CA ALA B 471 -6.76 -3.61 9.59
C ALA B 471 -6.47 -5.11 9.48
N THR B 472 -7.03 -5.72 8.43
CA THR B 472 -6.98 -7.16 8.21
C THR B 472 -6.78 -7.42 6.72
N THR B 473 -6.28 -8.62 6.39
CA THR B 473 -6.31 -9.10 5.02
C THR B 473 -6.57 -10.60 5.00
N VAL B 474 -7.46 -11.03 4.12
CA VAL B 474 -7.80 -12.44 3.93
C VAL B 474 -7.15 -12.91 2.63
N PHE B 475 -6.23 -13.87 2.74
CA PHE B 475 -5.36 -14.28 1.64
C PHE B 475 -5.94 -15.43 0.79
N THR B 476 -7.19 -15.23 0.36
CA THR B 476 -7.87 -16.05 -0.63
C THR B 476 -7.22 -15.84 -2.00
N PRO B 477 -7.55 -16.68 -3.01
CA PRO B 477 -6.86 -16.54 -4.31
C PRO B 477 -6.86 -15.11 -4.84
N LEU B 478 -8.00 -14.42 -4.69
CA LEU B 478 -8.04 -12.98 -4.77
C LEU B 478 -8.12 -12.46 -3.34
N GLU B 479 -7.11 -11.70 -2.92
CA GLU B 479 -7.06 -11.25 -1.54
C GLU B 479 -8.10 -10.16 -1.27
N TYR B 480 -8.44 -10.01 0.00
CA TYR B 480 -9.49 -9.07 0.45
C TYR B 480 -8.97 -8.36 1.69
N GLY B 481 -8.60 -7.08 1.54
CA GLY B 481 -8.15 -6.27 2.65
C GLY B 481 -9.22 -5.32 3.15
N ALA B 482 -9.21 -5.04 4.45
CA ALA B 482 -10.24 -4.21 5.05
C ALA B 482 -9.68 -3.42 6.22
N CYS B 483 -10.13 -2.18 6.37
CA CYS B 483 -9.88 -1.38 7.57
C CYS B 483 -11.16 -0.67 7.96
N GLY B 484 -11.67 -0.98 9.15
CA GLY B 484 -12.80 -0.25 9.71
C GLY B 484 -14.12 -1.00 9.67
N LEU B 485 -15.23 -0.27 9.67
CA LEU B 485 -16.57 -0.86 9.71
C LEU B 485 -16.92 -1.50 8.38
N SER B 486 -17.67 -2.62 8.43
CA SER B 486 -18.32 -3.08 7.21
C SER B 486 -19.50 -2.17 6.87
N GLU B 487 -20.00 -2.27 5.64
CA GLU B 487 -21.07 -1.37 5.21
C GLU B 487 -22.34 -1.56 6.06
N GLU B 488 -22.71 -2.81 6.35
CA GLU B 488 -23.95 -3.06 7.09
C GLU B 488 -23.83 -2.67 8.55
N ASP B 489 -22.62 -2.69 9.13
CA ASP B 489 -22.46 -2.20 10.50
C ASP B 489 -22.61 -0.68 10.58
N ALA B 490 -22.10 0.05 9.59
CA ALA B 490 -22.21 1.51 9.63
C ALA B 490 -23.66 1.96 9.43
N ILE B 491 -24.40 1.29 8.54
CA ILE B 491 -25.82 1.58 8.39
C ILE B 491 -26.56 1.30 9.69
N GLU B 492 -26.33 0.13 10.27
CA GLU B 492 -27.00 -0.25 11.51
C GLU B 492 -26.71 0.74 12.63
N LYS B 493 -25.54 1.36 12.64
CA LYS B 493 -25.16 2.20 13.76
C LYS B 493 -25.53 3.68 13.57
N TYR B 494 -25.58 4.19 12.34
CA TYR B 494 -25.89 5.60 12.11
C TYR B 494 -27.13 5.82 11.28
N GLY B 495 -27.67 4.79 10.65
CA GLY B 495 -28.86 4.92 9.83
C GLY B 495 -28.56 5.08 8.37
N ASP B 496 -29.37 4.49 7.49
CA ASP B 496 -29.06 4.48 6.07
C ASP B 496 -28.98 5.87 5.46
N LYS B 497 -29.69 6.85 6.02
CA LYS B 497 -29.66 8.18 5.43
C LYS B 497 -28.36 8.91 5.72
N ASP B 498 -27.62 8.48 6.73
CA ASP B 498 -26.36 9.11 7.12
C ASP B 498 -25.12 8.40 6.56
N ILE B 499 -25.30 7.39 5.71
CA ILE B 499 -24.17 6.64 5.15
C ILE B 499 -24.16 6.83 3.64
N GLU B 500 -23.04 7.37 3.13
CA GLU B 500 -22.72 7.44 1.71
C GLU B 500 -21.57 6.51 1.39
N VAL B 501 -21.69 5.75 0.31
CA VAL B 501 -20.68 4.76 -0.08
C VAL B 501 -20.21 5.06 -1.49
N TYR B 502 -18.93 5.38 -1.64
CA TYR B 502 -18.28 5.49 -2.94
C TYR B 502 -17.60 4.17 -3.29
N HIS B 503 -17.71 3.75 -4.56
CA HIS B 503 -17.22 2.44 -4.97
C HIS B 503 -16.89 2.41 -6.45
N SER B 504 -16.12 1.40 -6.87
CA SER B 504 -15.66 1.25 -8.25
C SER B 504 -15.05 -0.13 -8.50
N ASN B 505 -15.32 -0.69 -9.68
CA ASN B 505 -14.55 -1.81 -10.17
C ASN B 505 -13.19 -1.33 -10.69
N PHE B 506 -12.23 -2.26 -10.79
CA PHE B 506 -10.99 -1.95 -11.49
C PHE B 506 -10.38 -3.20 -12.09
N LYS B 507 -9.29 -2.99 -12.81
CA LYS B 507 -8.56 -4.03 -13.53
C LYS B 507 -7.07 -3.74 -13.46
N PRO B 508 -6.29 -4.58 -12.77
CA PRO B 508 -4.84 -4.37 -12.73
C PRO B 508 -4.27 -4.27 -14.15
N LEU B 509 -3.35 -3.33 -14.35
CA LEU B 509 -2.65 -3.25 -15.63
C LEU B 509 -2.08 -4.62 -16.03
N GLU B 510 -1.49 -5.34 -15.08
CA GLU B 510 -0.89 -6.65 -15.30
C GLU B 510 -1.87 -7.68 -15.86
N TRP B 511 -3.18 -7.45 -15.71
CA TRP B 511 -4.18 -8.39 -16.21
C TRP B 511 -4.55 -8.12 -17.67
N THR B 512 -4.16 -6.98 -18.24
CA THR B 512 -4.60 -6.64 -19.59
C THR B 512 -4.00 -7.59 -20.62
N VAL B 513 -2.67 -7.58 -20.76
CA VAL B 513 -1.99 -8.49 -21.68
C VAL B 513 -2.29 -9.94 -21.33
N ALA B 514 -2.54 -10.24 -20.05
CA ALA B 514 -2.79 -11.62 -19.62
C ALA B 514 -4.21 -12.14 -19.93
N HIS B 515 -5.14 -11.26 -20.36
CA HIS B 515 -6.52 -11.64 -20.69
C HIS B 515 -7.28 -12.17 -19.47
N ARG B 516 -7.15 -11.47 -18.35
CA ARG B 516 -7.90 -11.79 -17.14
C ARG B 516 -9.14 -10.88 -17.07
N GLU B 517 -10.00 -11.12 -16.09
CA GLU B 517 -11.34 -10.52 -16.11
C GLU B 517 -11.30 -9.00 -15.92
N ASP B 518 -12.28 -8.32 -16.52
CA ASP B 518 -12.38 -6.85 -16.50
C ASP B 518 -13.02 -6.33 -15.22
N ASN B 519 -14.03 -7.01 -14.67
CA ASN B 519 -14.82 -6.36 -13.61
C ASN B 519 -15.02 -7.26 -12.41
N VAL B 520 -13.94 -7.87 -11.88
CA VAL B 520 -14.01 -8.65 -10.66
C VAL B 520 -13.37 -7.93 -9.47
N CYS B 521 -12.24 -7.25 -9.69
CA CYS B 521 -11.65 -6.40 -8.65
C CYS B 521 -12.57 -5.24 -8.34
N TYR B 522 -12.63 -4.86 -7.06
CA TYR B 522 -13.69 -4.00 -6.54
C TYR B 522 -13.18 -3.29 -5.29
N MET B 523 -13.55 -2.01 -5.12
CA MET B 523 -13.20 -1.33 -3.87
C MET B 523 -14.29 -0.32 -3.49
N LYS B 524 -14.34 0.01 -2.20
CA LYS B 524 -15.36 0.95 -1.73
C LYS B 524 -14.92 1.67 -0.44
N LEU B 525 -15.49 2.86 -0.24
CA LEU B 525 -15.31 3.68 0.96
C LEU B 525 -16.67 3.94 1.59
N VAL B 526 -16.83 3.55 2.84
CA VAL B 526 -18.07 3.73 3.58
C VAL B 526 -17.91 4.97 4.46
N CYS B 527 -18.68 6.03 4.15
CA CYS B 527 -18.49 7.36 4.73
C CYS B 527 -19.73 7.84 5.49
N ARG B 528 -19.48 8.61 6.54
CA ARG B 528 -20.52 9.21 7.38
C ARG B 528 -20.81 10.64 6.94
N LYS B 529 -22.02 10.88 6.41
CA LYS B 529 -22.38 12.18 5.85
C LYS B 529 -22.23 13.29 6.87
N SER B 530 -22.94 13.16 8.00
CA SER B 530 -22.99 14.27 8.95
C SER B 530 -21.67 14.55 9.65
N ASP B 531 -20.59 13.82 9.34
CA ASP B 531 -19.30 14.06 9.98
C ASP B 531 -18.21 14.37 8.95
N ASN B 532 -18.48 15.31 8.05
CA ASN B 532 -17.54 15.70 6.97
C ASN B 532 -17.13 14.51 6.11
N MET B 533 -18.07 13.60 5.87
CA MET B 533 -17.85 12.43 5.01
C MET B 533 -16.67 11.60 5.52
N ARG B 534 -16.54 11.51 6.84
CA ARG B 534 -15.49 10.71 7.46
C ARG B 534 -15.51 9.27 6.92
N VAL B 535 -14.33 8.74 6.61
CA VAL B 535 -14.23 7.35 6.16
C VAL B 535 -14.41 6.43 7.37
N LEU B 536 -15.49 5.64 7.36
CA LEU B 536 -15.73 4.70 8.46
C LEU B 536 -15.13 3.32 8.20
N GLY B 537 -15.05 2.90 6.95
CA GLY B 537 -14.43 1.66 6.59
C GLY B 537 -13.94 1.69 5.16
N LEU B 538 -12.83 1.02 4.89
CA LEU B 538 -12.28 0.87 3.55
C LEU B 538 -12.21 -0.62 3.22
N HIS B 539 -12.51 -0.98 1.98
CA HIS B 539 -12.55 -2.38 1.53
C HIS B 539 -11.97 -2.48 0.13
N VAL B 540 -11.15 -3.53 -0.11
CA VAL B 540 -10.59 -3.72 -1.46
C VAL B 540 -10.40 -5.20 -1.75
N LEU B 541 -10.89 -5.65 -2.92
CA LEU B 541 -10.68 -7.00 -3.44
C LEU B 541 -9.75 -6.90 -4.64
N GLY B 542 -8.59 -7.55 -4.57
CA GLY B 542 -7.66 -7.55 -5.68
C GLY B 542 -6.31 -8.11 -5.27
N PRO B 543 -5.34 -8.08 -6.19
CA PRO B 543 -3.99 -8.56 -5.86
C PRO B 543 -3.25 -7.63 -4.91
N ASN B 544 -2.37 -8.23 -4.09
CA ASN B 544 -1.57 -7.51 -3.08
C ASN B 544 -2.45 -6.65 -2.17
N ALA B 545 -3.60 -7.18 -1.77
CA ALA B 545 -4.54 -6.34 -1.02
C ALA B 545 -3.96 -5.93 0.32
N GLY B 546 -3.11 -6.77 0.93
CA GLY B 546 -2.47 -6.38 2.16
C GLY B 546 -1.60 -5.16 1.99
N GLU B 547 -0.71 -5.17 0.98
CA GLU B 547 0.14 -4.01 0.73
C GLU B 547 -0.71 -2.77 0.41
N ILE B 548 -1.83 -2.95 -0.28
CA ILE B 548 -2.69 -1.80 -0.61
C ILE B 548 -3.30 -1.20 0.65
N THR B 549 -3.87 -2.04 1.51
CA THR B 549 -4.67 -1.57 2.63
C THR B 549 -3.83 -0.90 3.71
N GLN B 550 -2.60 -1.38 3.93
CA GLN B 550 -1.90 -1.14 5.18
C GLN B 550 -1.67 0.35 5.45
N GLY B 551 -1.05 1.05 4.50
CA GLY B 551 -0.80 2.47 4.71
C GLY B 551 -2.05 3.29 4.97
N TYR B 552 -3.20 2.93 4.36
CA TYR B 552 -4.42 3.69 4.62
C TYR B 552 -4.89 3.54 6.07
N ALA B 553 -4.43 2.51 6.79
CA ALA B 553 -4.78 2.37 8.19
C ALA B 553 -4.24 3.53 9.04
N VAL B 554 -3.11 4.12 8.64
CA VAL B 554 -2.61 5.30 9.34
C VAL B 554 -3.54 6.49 9.08
N ALA B 555 -3.90 6.70 7.81
CA ALA B 555 -4.78 7.81 7.49
C ALA B 555 -6.10 7.70 8.24
N ILE B 556 -6.66 6.47 8.34
CA ILE B 556 -7.91 6.26 9.06
C ILE B 556 -7.71 6.40 10.57
N LYS B 557 -6.56 6.00 11.10
CA LYS B 557 -6.33 6.21 12.52
C LYS B 557 -6.30 7.71 12.82
N MET B 558 -5.92 8.52 11.84
CA MET B 558 -5.88 9.97 12.00
C MET B 558 -7.23 10.62 11.71
N GLY B 559 -8.26 9.84 11.39
CA GLY B 559 -9.56 10.40 11.09
C GLY B 559 -9.78 10.89 9.68
N ALA B 560 -9.20 10.22 8.67
CA ALA B 560 -9.32 10.65 7.29
C ALA B 560 -10.78 10.82 6.87
N THR B 561 -11.04 11.84 6.05
CA THR B 561 -12.32 12.08 5.39
C THR B 561 -12.19 11.84 3.89
N LYS B 562 -13.33 11.85 3.20
CA LYS B 562 -13.30 11.70 1.74
C LYS B 562 -12.48 12.79 1.08
N ALA B 563 -12.56 14.01 1.62
CA ALA B 563 -11.80 15.11 1.04
C ALA B 563 -10.29 14.86 1.15
N ASP B 564 -9.86 14.25 2.24
CA ASP B 564 -8.43 13.92 2.38
C ASP B 564 -7.98 12.97 1.27
N PHE B 565 -8.84 12.01 0.88
CA PHE B 565 -8.52 11.11 -0.23
C PHE B 565 -8.53 11.84 -1.57
N ASP B 566 -9.51 12.72 -1.78
CA ASP B 566 -9.61 13.47 -3.03
C ASP B 566 -8.38 14.35 -3.25
N ARG B 567 -7.92 15.05 -2.21
CA ARG B 567 -6.85 16.00 -2.44
C ARG B 567 -5.47 15.36 -2.58
N THR B 568 -5.33 14.07 -2.19
CA THR B 568 -4.07 13.33 -2.40
C THR B 568 -4.01 12.79 -3.82
N ILE B 569 -2.82 12.92 -4.45
CA ILE B 569 -2.63 12.51 -5.85
C ILE B 569 -2.22 11.04 -5.92
N GLY B 570 -2.66 10.35 -6.98
CA GLY B 570 -2.35 8.95 -7.11
C GLY B 570 -0.95 8.70 -7.65
N ILE B 571 -0.48 7.45 -7.42
CA ILE B 571 0.71 6.89 -8.06
C ILE B 571 0.30 6.00 -9.22
N HIS B 572 0.88 6.22 -10.39
CA HIS B 572 0.42 5.62 -11.65
C HIS B 572 1.56 4.88 -12.33
N PRO B 573 1.35 3.64 -12.83
CA PRO B 573 0.12 2.85 -12.72
C PRO B 573 0.16 1.87 -11.53
N THR B 574 -0.84 1.95 -10.65
CA THR B 574 -1.02 1.02 -9.56
C THR B 574 -2.50 0.64 -9.50
N CYS B 575 -2.79 -0.41 -8.72
CA CYS B 575 -4.18 -0.67 -8.35
C CYS B 575 -4.64 0.32 -7.28
N SER B 576 -3.77 0.58 -6.28
CA SER B 576 -4.11 1.43 -5.13
C SER B 576 -4.55 2.85 -5.52
N GLU B 577 -3.99 3.44 -6.59
CA GLU B 577 -4.37 4.81 -6.95
C GLU B 577 -5.87 4.99 -7.18
N THR B 578 -6.62 3.91 -7.45
CA THR B 578 -8.06 4.00 -7.74
C THR B 578 -8.83 4.59 -6.56
N PHE B 579 -8.27 4.51 -5.34
CA PHE B 579 -8.90 5.09 -4.15
C PHE B 579 -8.87 6.61 -4.17
N THR B 580 -7.93 7.21 -4.90
CA THR B 580 -7.72 8.65 -4.83
C THR B 580 -8.66 9.44 -5.74
N THR B 581 -9.46 8.77 -6.58
CA THR B 581 -10.34 9.45 -7.54
C THR B 581 -11.75 8.87 -7.57
N LEU B 582 -12.20 8.19 -6.50
CA LEU B 582 -13.55 7.60 -6.49
C LEU B 582 -14.63 8.66 -6.55
N HIS B 583 -15.73 8.35 -7.25
CA HIS B 583 -16.78 9.35 -7.40
C HIS B 583 -18.21 8.78 -7.50
N VAL B 584 -18.37 7.52 -7.91
CA VAL B 584 -19.70 6.92 -8.07
C VAL B 584 -20.25 6.51 -6.69
N THR B 585 -21.38 7.10 -6.31
CA THR B 585 -22.06 6.70 -5.09
C THR B 585 -23.04 5.56 -5.37
N LYS B 586 -23.32 4.77 -4.32
CA LYS B 586 -24.33 3.72 -4.44
C LYS B 586 -25.73 4.32 -4.54
N LYS B 587 -26.03 5.34 -3.74
CA LYS B 587 -27.30 6.02 -3.83
C LYS B 587 -27.61 6.43 -5.27
N SER B 588 -26.59 6.85 -6.03
CA SER B 588 -26.81 7.42 -7.36
C SER B 588 -27.34 6.38 -8.35
N GLY B 589 -27.07 5.11 -8.12
CA GLY B 589 -27.46 4.06 -9.04
C GLY B 589 -26.60 3.92 -10.28
N VAL B 590 -25.61 4.79 -10.49
CA VAL B 590 -24.71 4.65 -11.61
C VAL B 590 -23.88 3.37 -11.49
N SER B 591 -23.58 2.74 -12.62
CA SER B 591 -22.81 1.50 -12.62
C SER B 591 -21.38 1.74 -12.17
N PRO B 592 -20.77 0.79 -11.44
CA PRO B 592 -19.35 0.92 -11.07
C PRO B 592 -18.38 0.26 -12.03
N ILE B 593 -18.81 -0.20 -13.21
CA ILE B 593 -17.92 -0.98 -14.07
C ILE B 593 -16.93 -0.06 -14.78
N VAL B 594 -15.91 -0.66 -15.37
CA VAL B 594 -14.86 0.10 -16.04
C VAL B 594 -15.09 0.14 -17.55
PA FAD C . 1.34 14.52 -23.10
O1A FAD C . 0.73 13.29 -22.55
O2A FAD C . 2.76 14.38 -23.70
O5B FAD C . 0.31 15.15 -24.22
C5B FAD C . 0.73 16.14 -25.18
C4B FAD C . 0.08 15.79 -26.47
O4B FAD C . -0.07 16.98 -27.30
C3B FAD C . 0.83 14.78 -27.32
O3B FAD C . -0.12 13.96 -27.97
C2B FAD C . 1.60 15.69 -28.29
O2B FAD C . 2.11 15.04 -29.45
C1B FAD C . 0.48 16.69 -28.58
N9A FAD C . 0.87 17.94 -29.23
C8A FAD C . 2.09 18.57 -29.17
N7A FAD C . 2.15 19.69 -29.85
C5A FAD C . 0.89 19.79 -30.41
C6A FAD C . 0.31 20.77 -31.25
N6A FAD C . 0.95 21.84 -31.68
N1A FAD C . -0.99 20.59 -31.62
C2A FAD C . -1.64 19.51 -31.18
N3A FAD C . -1.19 18.53 -30.39
C4A FAD C . 0.09 18.73 -30.04
N1 FAD C . 4.21 9.52 -15.33
C2 FAD C . 3.64 8.86 -14.28
O2 FAD C . 2.87 9.41 -13.49
N3 FAD C . 3.94 7.51 -14.08
C4 FAD C . 4.79 6.72 -14.87
O4 FAD C . 4.97 5.53 -14.60
C4X FAD C . 5.40 7.45 -15.97
N5 FAD C . 6.20 6.80 -16.75
C5X FAD C . 6.76 7.48 -17.83
C6 FAD C . 7.63 6.79 -18.68
C7 FAD C . 8.22 7.43 -19.77
C7M FAD C . 9.15 6.65 -20.66
C8 FAD C . 7.94 8.78 -20.02
C8M FAD C . 8.56 9.51 -21.19
C9 FAD C . 7.08 9.48 -19.17
C9A FAD C . 6.48 8.83 -18.09
N10 FAD C . 5.60 9.50 -17.21
C10 FAD C . 5.03 8.83 -16.13
C1' FAD C . 5.28 10.93 -17.40
C2' FAD C . 3.94 11.16 -18.07
O2' FAD C . 3.92 10.53 -19.35
C3' FAD C . 3.73 12.66 -18.27
O3' FAD C . 3.82 13.33 -17.02
C4' FAD C . 2.38 12.96 -18.90
O4' FAD C . 2.26 12.37 -20.21
C5' FAD C . 2.09 14.45 -18.98
O5' FAD C . 0.88 14.66 -19.73
P FAD C . 0.67 15.97 -20.58
O1P FAD C . -0.85 16.01 -20.75
O2P FAD C . 1.37 17.06 -19.88
O3P FAD C . 1.39 15.67 -22.00
N1 UVS D . -2.39 16.73 -38.62
N UVS D . -1.67 17.79 -39.05
C UVS D . 2.31 19.66 -39.93
O UVS D . 1.40 18.64 -39.62
C1 UVS D . 0.27 18.53 -40.49
C2 UVS D . -0.65 17.49 -39.86
C3 UVS D . -1.91 15.53 -39.08
N2 UVS D . -2.46 14.31 -38.77
S UVS D . -0.49 15.73 -40.14
N1 UVS E . 22.49 12.84 -18.92
N UVS E . 22.00 14.03 -19.35
C UVS E . 21.01 16.88 -22.85
O UVS E . 21.86 15.84 -22.37
C1 UVS E . 22.37 16.00 -21.01
C2 UVS E . 22.71 14.62 -20.36
C3 UVS E . 23.59 12.46 -19.60
N2 UVS E . 24.24 11.30 -19.38
S UVS E . 24.11 13.61 -20.84
PA FAD F . -0.01 -18.53 20.22
O1A FAD F . 0.77 -18.03 19.05
O2A FAD F . -1.04 -19.65 19.93
O5B FAD F . 1.07 -18.98 21.33
C5B FAD F . 0.67 -19.64 22.56
C4B FAD F . 1.73 -20.67 22.87
O4B FAD F . 1.61 -21.11 24.24
C3B FAD F . 1.66 -21.94 22.01
O3B FAD F . 3.00 -22.32 21.70
C2B FAD F . 0.94 -22.92 22.94
O2B FAD F . 1.15 -24.30 22.65
C1B FAD F . 1.61 -22.53 24.25
N9A FAD F . 0.96 -23.01 25.47
C8A FAD F . -0.37 -23.27 25.68
N7A FAD F . -0.65 -23.71 26.88
C5A FAD F . 0.59 -23.74 27.51
C6A FAD F . 0.97 -24.10 28.82
N6A FAD F . 0.13 -24.54 29.76
N1A FAD F . 2.29 -24.01 29.13
C2A FAD F . 3.15 -23.58 28.19
N3A FAD F . 2.89 -23.21 26.93
C4A FAD F . 1.58 -23.31 26.65
N1 FAD F . -2.98 -13.69 12.39
C2 FAD F . -2.55 -12.66 11.60
O2 FAD F . -2.36 -11.53 12.07
N3 FAD F . -2.33 -12.88 10.25
C4 FAD F . -2.50 -14.10 9.57
O4 FAD F . -2.25 -14.16 8.36
C4X FAD F . -2.95 -15.18 10.42
N5 FAD F . -3.13 -16.38 9.88
C5X FAD F . -3.57 -17.41 10.71
C6 FAD F . -3.77 -18.68 10.16
C7 FAD F . -4.21 -19.74 10.95
C7M FAD F . -4.43 -21.10 10.34
C8 FAD F . -4.45 -19.54 12.32
C8M FAD F . -4.92 -20.67 13.20
C9 FAD F . -4.25 -18.27 12.87
C9A FAD F . -3.80 -17.22 12.08
N10 FAD F . -3.60 -15.93 12.62
C10 FAD F . -3.17 -14.88 11.82
C1' FAD F . -3.82 -15.66 14.05
C2' FAD F . -2.53 -15.69 14.85
O2' FAD F . -1.86 -16.93 14.65
C3' FAD F . -2.83 -15.52 16.34
O3' FAD F . -3.57 -14.33 16.55
C4' FAD F . -1.58 -15.47 17.22
O4' FAD F . -0.71 -16.56 16.93
C5' FAD F . -1.94 -15.43 18.69
O5' FAD F . -0.74 -15.26 19.48
P FAD F . -0.67 -15.74 20.98
O1P FAD F . 0.71 -15.35 21.50
O2P FAD F . -1.85 -15.16 21.68
O3P FAD F . -0.82 -17.35 20.91
N1 UVS G . 7.11 -32.51 26.67
N UVS G . 6.21 -33.10 27.47
C UVS G . 3.11 -31.91 30.54
O UVS G . 3.71 -32.46 29.41
C1 UVS G . 5.00 -33.00 29.65
C2 UVS G . 5.93 -32.45 28.59
C3 UVS G . 7.55 -31.31 27.19
N2 UVS G . 8.46 -30.52 26.58
S UVS G . 6.81 -30.91 28.76
N1 UVS H . -19.37 -24.38 10.19
N UVS H . -18.89 -23.46 11.07
C UVS H . -18.63 -20.91 14.53
O UVS H . -19.30 -21.85 13.73
C1 UVS H . -18.54 -23.04 13.58
C2 UVS H . -19.03 -23.83 12.37
C3 UVS H . -19.91 -25.51 10.81
N2 UVS H . -20.46 -26.60 10.15
S UVS H . -19.81 -25.41 12.58
#